data_5WB2
#
_entry.id   5WB2
#
_cell.length_a   47.170
_cell.length_b   128.940
_cell.length_c   127.740
_cell.angle_alpha   90.00
_cell.angle_beta   90.00
_cell.angle_gamma   90.00
#
_symmetry.space_group_name_H-M   'P 21 21 2'
#
loop_
_entity.id
_entity.type
_entity.pdbx_description
1 polymer 'Envelope protein US28, nanobody 7 fusion protein'
2 polymer 'CX3CL1 protein'
3 polymer 'nanobody B1'
4 non-polymer CHOLESTEROL
5 non-polymer '(2R)-2,3-dihydroxypropyl (9Z)-octadec-9-enoate'
6 non-polymer 'ZINC ION'
7 non-polymer '2-(N-MORPHOLINO)-ETHANESULFONIC ACID'
#
loop_
_entity_poly.entity_id
_entity_poly.type
_entity_poly.pdbx_seq_one_letter_code
_entity_poly.pdbx_strand_id
1 'polypeptide(L)'
;YKDDDDAMTPTTTTAELTTEFDYDEDATPCVFTDVLNQSKPVTLFLYGVVFLFGSIGNFLVIFTITWRRRIQ(YCM)SGD
VYFINLAAADLLFVCTLPLWMQYLLDHNSLASVPCTLLTACFYVAMFASLCFITEIALDRYYAIVYMRYRPVKQACLFSI
FWWIFAVIIAIPHFMVVTKKDNQCMTDYDYLEVSYPIILNVELMLGAFVIPLSVISYCYYRISRIVAVSQSRHKGRIVRV
LIAVVLVFIIFWLPYHLTLFVDTLKLLKWISSSCEFERSLKRALILTESLAFCHCCLNPLLYVFVGTKFRQELH(YCM)L
LAEFRLVPRGSGGSGGSLVPRGSQVQLVESGGGLVRPGGSLRLSCAASGSIFTIYAMGWYRQAPGKQRELVARITFGGDT
NYADSVKGRFTISRDNAKNAVYLQMNSLKPEDTAVYYCNAEETIVEEADYWGQGTQVTVSSRALEVLF
;
A
2 'polypeptide(L)' LLPHANYCAITCSKMTSKIPVALLIHYQQNQASCGKRAIILETRQHRLFCADPKEQWVKDAMQHLDRQAAALTRNG B
3 'polypeptide(L)'
;(PCA)LQLVESGGGLVQPGGSLRLSCAASGYSLEYYAIGWFRQAPGKEREGVSCISTSVGSTKYADSVKGRFTISRDNAK
NTVYLQMNSLKPEDTAVYYCGADLSTFYGGNYYCGDRGIYDYYGQGTQVTVSSRG
;
D
#
loop_
_chem_comp.id
_chem_comp.type
_chem_comp.name
_chem_comp.formula
CLR non-polymer CHOLESTEROL 'C27 H46 O'
MES non-polymer '2-(N-MORPHOLINO)-ETHANESULFONIC ACID' 'C6 H13 N O4 S'
OLC non-polymer '(2R)-2,3-dihydroxypropyl (9Z)-octadec-9-enoate' 'C21 H40 O4'
ZN non-polymer 'ZINC ION' 'Zn 2'
#
# COMPACT_ATOMS: atom_id res chain seq x y z
N ASP A 24 -47.08 19.20 -41.80
CA ASP A 24 -45.88 18.39 -42.04
C ASP A 24 -45.15 18.11 -40.74
N GLU A 25 -45.34 19.00 -39.76
CA GLU A 25 -44.41 19.08 -38.64
C GLU A 25 -44.29 17.73 -37.93
N ASP A 26 -43.07 17.41 -37.50
CA ASP A 26 -42.78 16.24 -36.69
C ASP A 26 -41.48 16.54 -35.93
N ALA A 27 -40.84 15.49 -35.43
CA ALA A 27 -39.57 15.65 -34.74
C ALA A 27 -38.48 16.00 -35.75
N THR A 28 -37.84 17.14 -35.55
CA THR A 28 -36.77 17.70 -36.35
C THR A 28 -35.44 17.36 -35.71
N PRO A 29 -34.32 17.40 -36.45
CA PRO A 29 -33.04 17.02 -35.84
C PRO A 29 -32.71 17.96 -34.69
N CYS A 30 -32.25 17.36 -33.59
CA CYS A 30 -31.81 18.08 -32.41
C CYS A 30 -30.31 18.34 -32.49
N VAL A 31 -29.92 19.61 -32.58
CA VAL A 31 -28.53 20.01 -32.82
C VAL A 31 -27.81 20.16 -31.49
N PHE A 32 -26.51 19.80 -31.48
CA PHE A 32 -25.65 19.87 -30.30
C PHE A 32 -24.41 20.72 -30.55
N THR A 33 -24.40 21.55 -31.58
CA THR A 33 -23.17 22.24 -31.96
C THR A 33 -22.66 23.17 -30.86
N ASP A 34 -23.57 23.81 -30.12
CA ASP A 34 -23.13 24.71 -29.05
C ASP A 34 -22.74 23.96 -27.79
N VAL A 35 -23.45 22.86 -27.49
CA VAL A 35 -23.12 22.08 -26.30
C VAL A 35 -21.71 21.52 -26.42
N LEU A 36 -21.37 21.00 -27.60
CA LEU A 36 -20.03 20.46 -27.83
C LEU A 36 -18.97 21.55 -27.78
N ASN A 37 -19.28 22.74 -28.31
CA ASN A 37 -18.30 23.82 -28.31
C ASN A 37 -18.05 24.34 -26.89
N GLN A 38 -19.03 24.24 -26.01
CA GLN A 38 -18.84 24.71 -24.65
C GLN A 38 -18.22 23.64 -23.76
N SER A 39 -18.45 22.37 -24.08
CA SER A 39 -17.95 21.25 -23.28
C SER A 39 -16.53 20.86 -23.68
N LYS A 40 -16.14 21.11 -24.92
CA LYS A 40 -14.82 20.72 -25.42
C LYS A 40 -13.68 21.32 -24.60
N PRO A 41 -13.67 22.62 -24.27
CA PRO A 41 -12.54 23.15 -23.47
C PRO A 41 -12.44 22.54 -22.08
N VAL A 42 -13.58 22.21 -21.47
CA VAL A 42 -13.57 21.59 -20.15
C VAL A 42 -12.97 20.20 -20.23
N THR A 43 -13.37 19.42 -21.23
CA THR A 43 -12.84 18.06 -21.39
C THR A 43 -11.34 18.09 -21.63
N LEU A 44 -10.88 18.98 -22.51
CA LEU A 44 -9.44 19.06 -22.79
C LEU A 44 -8.68 19.45 -21.53
N PHE A 45 -9.24 20.35 -20.73
CA PHE A 45 -8.58 20.78 -19.50
C PHE A 45 -8.46 19.61 -18.52
N LEU A 46 -9.58 18.94 -18.26
CA LEU A 46 -9.60 17.84 -17.31
C LEU A 46 -8.70 16.70 -17.79
N TYR A 47 -8.66 16.47 -19.10
CA TYR A 47 -7.77 15.44 -19.63
C TYR A 47 -6.32 15.73 -19.26
N GLY A 48 -5.90 16.98 -19.39
CA GLY A 48 -4.55 17.35 -19.01
C GLY A 48 -4.31 17.21 -17.52
N VAL A 49 -5.33 17.49 -16.72
CA VAL A 49 -5.19 17.34 -15.27
C VAL A 49 -5.06 15.87 -14.90
N VAL A 50 -5.94 15.03 -15.46
CA VAL A 50 -5.89 13.60 -15.19
C VAL A 50 -4.57 13.01 -15.67
N PHE A 51 -4.09 13.46 -16.83
CA PHE A 51 -2.83 12.96 -17.36
C PHE A 51 -1.65 13.41 -16.50
N LEU A 52 -1.72 14.61 -15.93
CA LEU A 52 -0.62 15.12 -15.12
C LEU A 52 -0.48 14.33 -13.82
N PHE A 53 -1.55 14.33 -13.01
CA PHE A 53 -1.52 13.66 -11.72
C PHE A 53 -1.63 12.14 -11.83
N GLY A 54 -2.35 11.64 -12.84
CA GLY A 54 -2.52 10.20 -12.96
C GLY A 54 -1.22 9.48 -13.31
N SER A 55 -0.41 10.08 -14.17
CA SER A 55 0.86 9.47 -14.54
C SER A 55 1.88 9.61 -13.42
N ILE A 56 1.89 10.76 -12.75
CA ILE A 56 2.82 10.97 -11.64
C ILE A 56 2.44 10.10 -10.46
N GLY A 57 1.17 10.11 -10.06
CA GLY A 57 0.76 9.33 -8.91
C GLY A 57 0.97 7.84 -9.08
N ASN A 58 0.72 7.31 -10.28
CA ASN A 58 0.88 5.88 -10.50
C ASN A 58 2.33 5.48 -10.75
N PHE A 59 3.19 6.42 -11.15
CA PHE A 59 4.61 6.11 -11.24
C PHE A 59 5.23 5.99 -9.85
N LEU A 60 4.87 6.91 -8.95
CA LEU A 60 5.40 6.86 -7.59
C LEU A 60 5.00 5.59 -6.88
N VAL A 61 3.83 5.04 -7.20
CA VAL A 61 3.41 3.76 -6.63
C VAL A 61 4.38 2.67 -7.04
N ILE A 62 4.58 2.50 -8.35
CA ILE A 62 5.50 1.46 -8.82
C ILE A 62 6.91 1.74 -8.31
N PHE A 63 7.31 3.02 -8.30
CA PHE A 63 8.64 3.36 -7.84
C PHE A 63 8.83 3.05 -6.36
N THR A 64 7.77 3.21 -5.56
CA THR A 64 7.91 3.00 -4.13
C THR A 64 8.02 1.52 -3.80
N ILE A 65 7.30 0.66 -4.54
CA ILE A 65 7.26 -0.76 -4.19
C ILE A 65 8.33 -1.56 -4.91
N THR A 66 9.12 -0.95 -5.79
CA THR A 66 10.11 -1.72 -6.54
C THR A 66 11.50 -1.20 -6.26
N TRP A 67 11.64 0.12 -6.20
CA TRP A 67 12.94 0.75 -6.06
C TRP A 67 13.60 0.36 -4.74
N ARG A 68 14.79 -0.21 -4.84
CA ARG A 68 15.55 -0.70 -3.70
C ARG A 68 14.68 -1.48 -2.71
N ARG A 69 13.79 -2.32 -3.23
CA ARG A 69 12.99 -3.14 -2.34
C ARG A 69 12.18 -4.17 -3.12
N ARG A 70 12.12 -5.36 -2.56
CA ARG A 70 11.39 -6.49 -3.09
C ARG A 70 9.92 -6.38 -2.72
N ILE A 71 9.07 -7.09 -3.46
CA ILE A 71 7.65 -7.11 -3.11
C ILE A 71 7.48 -8.07 -1.94
N GLN A 72 6.93 -7.58 -0.84
CA GLN A 72 6.83 -8.38 0.37
C GLN A 72 5.47 -9.08 0.53
N YCM A 73 4.37 -8.38 0.25
CA YCM A 73 3.08 -9.01 0.39
CB YCM A 73 2.21 -8.30 1.42
SG YCM A 73 1.39 -6.84 0.84
CD YCM A 73 0.65 -6.11 2.26
CE YCM A 73 -0.77 -6.54 2.49
OZ1 YCM A 73 -1.70 -5.70 2.50
NZ2 YCM A 73 -1.03 -7.88 2.66
C YCM A 73 2.30 -9.11 -0.92
O YCM A 73 2.69 -8.60 -1.98
N SER A 74 1.16 -9.79 -0.85
CA SER A 74 0.29 -9.96 -2.01
C SER A 74 -0.34 -8.63 -2.40
N GLY A 75 -0.49 -7.75 -1.41
CA GLY A 75 -1.06 -6.44 -1.68
C GLY A 75 -0.18 -5.62 -2.60
N ASP A 76 1.13 -5.73 -2.44
CA ASP A 76 2.07 -4.99 -3.28
C ASP A 76 1.94 -5.40 -4.75
N VAL A 77 1.70 -6.70 -5.01
CA VAL A 77 1.52 -7.17 -6.37
C VAL A 77 0.31 -6.50 -7.01
N TYR A 78 -0.81 -6.46 -6.27
CA TYR A 78 -2.04 -5.89 -6.82
C TYR A 78 -1.94 -4.38 -6.94
N PHE A 79 -1.20 -3.72 -6.05
CA PHE A 79 -1.04 -2.28 -6.12
C PHE A 79 -0.30 -1.87 -7.40
N ILE A 80 0.77 -2.59 -7.74
CA ILE A 80 1.52 -2.29 -8.95
C ILE A 80 0.66 -2.54 -10.18
N ASN A 81 -0.06 -3.67 -10.20
CA ASN A 81 -0.94 -3.98 -11.31
C ASN A 81 -2.06 -2.95 -11.44
N LEU A 82 -2.51 -2.39 -10.32
CA LEU A 82 -3.53 -1.35 -10.36
C LEU A 82 -2.93 -0.06 -10.92
N ALA A 83 -1.70 0.26 -10.55
CA ALA A 83 -1.02 1.44 -11.06
C ALA A 83 -0.68 1.28 -12.53
N ALA A 84 -0.42 0.04 -12.97
CA ALA A 84 -0.12 -0.21 -14.38
C ALA A 84 -1.35 -0.02 -15.24
N ALA A 85 -2.54 -0.43 -14.74
CA ALA A 85 -3.76 -0.24 -15.51
C ALA A 85 -4.10 1.24 -15.63
N ASP A 86 -3.85 2.00 -14.56
CA ASP A 86 -4.09 3.44 -14.59
C ASP A 86 -3.11 4.13 -15.52
N LEU A 87 -1.87 3.64 -15.55
CA LEU A 87 -0.85 4.19 -16.44
C LEU A 87 -1.25 4.01 -17.90
N LEU A 88 -1.69 2.80 -18.27
CA LEU A 88 -2.11 2.56 -19.65
C LEU A 88 -3.28 3.48 -20.02
N PHE A 89 -4.12 3.83 -19.04
CA PHE A 89 -5.24 4.71 -19.29
C PHE A 89 -4.79 6.14 -19.51
N VAL A 90 -3.99 6.68 -18.60
CA VAL A 90 -3.59 8.08 -18.69
C VAL A 90 -2.64 8.33 -19.86
N CYS A 91 -1.94 7.31 -20.35
CA CYS A 91 -1.02 7.55 -21.46
C CYS A 91 -1.74 7.70 -22.78
N THR A 92 -3.03 7.36 -22.82
CA THR A 92 -3.88 7.52 -24.00
C THR A 92 -4.50 8.91 -24.08
N LEU A 93 -4.56 9.64 -22.97
CA LEU A 93 -5.20 10.95 -22.97
C LEU A 93 -4.52 11.97 -23.90
N PRO A 94 -3.19 12.08 -23.98
CA PRO A 94 -2.61 13.02 -24.94
C PRO A 94 -2.91 12.62 -26.38
N LEU A 95 -3.17 11.33 -26.64
CA LEU A 95 -3.57 10.93 -27.98
C LEU A 95 -4.99 11.39 -28.26
N TRP A 96 -5.86 11.28 -27.27
CA TRP A 96 -7.25 11.72 -27.38
C TRP A 96 -7.34 13.24 -27.42
N MET A 97 -6.40 13.93 -26.79
CA MET A 97 -6.41 15.39 -26.83
C MET A 97 -6.09 15.88 -28.24
N GLN A 98 -5.18 15.19 -28.94
CA GLN A 98 -4.91 15.53 -30.33
C GLN A 98 -6.13 15.22 -31.19
N TYR A 99 -6.95 14.27 -30.76
CA TYR A 99 -8.15 13.90 -31.49
C TYR A 99 -9.22 14.97 -31.34
N LEU A 100 -9.36 15.56 -30.15
CA LEU A 100 -10.39 16.57 -29.96
C LEU A 100 -10.00 17.85 -30.67
N LEU A 101 -8.71 18.19 -30.69
CA LEU A 101 -8.29 19.45 -31.28
C LEU A 101 -8.45 19.43 -32.80
N ASP A 102 -8.47 18.24 -33.40
CA ASP A 102 -8.67 18.04 -34.83
C ASP A 102 -9.06 16.59 -35.06
N HIS A 103 -10.24 16.37 -35.62
CA HIS A 103 -10.67 14.98 -35.79
C HIS A 103 -9.87 14.27 -36.88
N ASN A 104 -9.24 15.02 -37.79
CA ASN A 104 -8.55 14.38 -38.90
C ASN A 104 -7.34 13.58 -38.42
N SER A 105 -6.83 13.89 -37.23
CA SER A 105 -5.54 13.36 -36.81
C SER A 105 -5.58 11.85 -36.58
N LEU A 106 -6.73 11.32 -36.18
CA LEU A 106 -6.87 9.91 -35.88
C LEU A 106 -7.44 9.16 -37.07
N ALA A 107 -6.74 8.10 -37.50
CA ALA A 107 -7.20 7.27 -38.60
C ALA A 107 -8.15 6.19 -38.07
N SER A 108 -8.59 5.31 -38.97
CA SER A 108 -9.57 4.30 -38.60
C SER A 108 -8.97 3.13 -37.84
N VAL A 109 -7.66 2.92 -37.96
CA VAL A 109 -7.00 1.75 -37.37
C VAL A 109 -6.35 2.08 -36.03
N PRO A 110 -5.91 3.33 -35.73
CA PRO A 110 -5.35 3.55 -34.40
C PRO A 110 -6.48 3.72 -33.40
N CYS A 111 -7.62 4.22 -33.88
CA CYS A 111 -8.75 4.47 -32.98
C CYS A 111 -9.14 3.19 -32.26
N THR A 112 -9.37 2.12 -33.03
CA THR A 112 -9.81 0.86 -32.45
C THR A 112 -8.74 0.36 -31.49
N LEU A 113 -7.47 0.46 -31.87
CA LEU A 113 -6.40 -0.02 -31.02
C LEU A 113 -6.32 0.87 -29.78
N LEU A 114 -6.46 2.18 -29.97
CA LEU A 114 -6.40 3.13 -28.86
C LEU A 114 -7.62 2.95 -27.95
N THR A 115 -8.77 2.61 -28.56
CA THR A 115 -9.99 2.33 -27.82
C THR A 115 -9.81 1.05 -27.01
N ALA A 116 -9.03 0.13 -27.57
CA ALA A 116 -8.73 -1.13 -26.90
C ALA A 116 -8.02 -0.86 -25.59
N CYS A 117 -6.99 0.00 -25.61
CA CYS A 117 -6.28 0.31 -24.38
C CYS A 117 -7.20 0.97 -23.36
N PHE A 118 -8.25 1.65 -23.80
CA PHE A 118 -9.18 2.26 -22.85
C PHE A 118 -9.96 1.21 -22.08
N TYR A 119 -10.50 0.21 -22.79
CA TYR A 119 -11.35 -0.74 -22.09
C TYR A 119 -10.52 -1.79 -21.39
N VAL A 120 -9.42 -2.23 -21.99
CA VAL A 120 -8.56 -3.19 -21.31
C VAL A 120 -8.08 -2.59 -19.98
N ALA A 121 -7.60 -1.34 -20.03
CA ALA A 121 -7.14 -0.67 -18.82
C ALA A 121 -8.30 -0.33 -17.88
N MET A 122 -9.48 -0.05 -18.41
CA MET A 122 -10.62 0.28 -17.54
C MET A 122 -11.10 -0.95 -16.79
N PHE A 123 -11.32 -2.04 -17.52
CA PHE A 123 -11.79 -3.26 -16.88
C PHE A 123 -10.75 -3.83 -15.94
N ALA A 124 -9.46 -3.77 -16.34
CA ALA A 124 -8.40 -4.26 -15.46
C ALA A 124 -8.33 -3.42 -14.19
N SER A 125 -8.53 -2.11 -14.30
CA SER A 125 -8.54 -1.25 -13.12
C SER A 125 -9.64 -1.67 -12.15
N LEU A 126 -10.81 -2.04 -12.68
CA LEU A 126 -11.91 -2.48 -11.83
C LEU A 126 -11.70 -3.89 -11.33
N CYS A 127 -11.00 -4.72 -12.11
CA CYS A 127 -10.73 -6.09 -11.70
C CYS A 127 -9.79 -6.13 -10.49
N PHE A 128 -8.70 -5.35 -10.56
CA PHE A 128 -7.75 -5.36 -9.46
C PHE A 128 -8.31 -4.65 -8.24
N ILE A 129 -9.11 -3.59 -8.44
CA ILE A 129 -9.80 -2.94 -7.32
C ILE A 129 -10.66 -3.96 -6.58
N THR A 130 -11.38 -4.79 -7.34
CA THR A 130 -12.14 -5.87 -6.73
C THR A 130 -11.22 -6.88 -6.06
N GLU A 131 -10.06 -7.13 -6.65
CA GLU A 131 -9.13 -8.10 -6.07
C GLU A 131 -8.52 -7.59 -4.78
N ILE A 132 -8.36 -6.27 -4.63
CA ILE A 132 -7.88 -5.72 -3.36
C ILE A 132 -8.80 -6.14 -2.23
N ALA A 133 -10.11 -5.93 -2.40
CA ALA A 133 -11.06 -6.27 -1.36
C ALA A 133 -11.07 -7.77 -1.10
N LEU A 134 -11.11 -8.56 -2.17
CA LEU A 134 -11.13 -10.02 -2.03
C LEU A 134 -9.89 -10.52 -1.31
N ASP A 135 -8.72 -10.06 -1.75
CA ASP A 135 -7.46 -10.48 -1.12
C ASP A 135 -7.45 -10.12 0.36
N ARG A 136 -7.99 -8.96 0.70
CA ARG A 136 -8.05 -8.54 2.10
C ARG A 136 -9.25 -9.13 2.83
N TYR A 137 -10.24 -9.62 2.08
CA TYR A 137 -11.38 -10.30 2.69
C TYR A 137 -10.97 -11.68 3.20
N TYR A 138 -10.46 -12.52 2.31
CA TYR A 138 -10.06 -13.87 2.67
C TYR A 138 -8.97 -13.89 3.74
N ALA A 139 -8.18 -12.82 3.84
CA ALA A 139 -7.09 -12.79 4.80
C ALA A 139 -7.59 -12.48 6.21
N ILE A 140 -8.58 -11.59 6.34
CA ILE A 140 -9.04 -11.17 7.65
C ILE A 140 -10.04 -12.16 8.23
N VAL A 141 -11.14 -12.40 7.52
CA VAL A 141 -12.20 -13.24 8.07
C VAL A 141 -11.91 -14.73 7.88
N TYR A 142 -11.35 -15.12 6.73
CA TYR A 142 -11.13 -16.53 6.43
C TYR A 142 -9.69 -16.96 6.68
N MET A 143 -8.81 -16.05 7.10
CA MET A 143 -7.42 -16.36 7.43
C MET A 143 -6.72 -17.07 6.28
N ARG A 144 -7.04 -16.65 5.05
CA ARG A 144 -6.41 -17.18 3.84
C ARG A 144 -5.43 -16.15 3.31
N TYR A 145 -4.14 -16.46 3.42
CA TYR A 145 -3.07 -15.54 3.02
C TYR A 145 -2.48 -16.00 1.70
N ARG A 146 -2.15 -15.03 0.84
CA ARG A 146 -1.59 -15.35 -0.46
C ARG A 146 -0.13 -14.95 -0.55
N PRO A 147 0.76 -15.87 -0.92
CA PRO A 147 2.16 -15.51 -1.12
C PRO A 147 2.32 -14.65 -2.36
N VAL A 148 3.49 -14.01 -2.47
CA VAL A 148 3.76 -13.14 -3.62
C VAL A 148 3.66 -13.93 -4.92
N LYS A 149 4.12 -15.18 -4.92
CA LYS A 149 4.11 -16.01 -6.12
C LYS A 149 2.69 -16.21 -6.64
N GLN A 150 1.72 -16.37 -5.73
CA GLN A 150 0.34 -16.59 -6.16
C GLN A 150 -0.32 -15.30 -6.61
N ALA A 151 0.01 -14.16 -6.00
CA ALA A 151 -0.61 -12.91 -6.40
C ALA A 151 -0.24 -12.55 -7.83
N CYS A 152 0.99 -12.88 -8.24
CA CYS A 152 1.42 -12.65 -9.62
C CYS A 152 0.62 -13.51 -10.58
N LEU A 153 0.32 -14.75 -10.19
CA LEU A 153 -0.45 -15.64 -11.04
C LEU A 153 -1.88 -15.12 -11.24
N PHE A 154 -2.50 -14.62 -10.17
CA PHE A 154 -3.86 -14.08 -10.30
C PHE A 154 -3.86 -12.82 -11.14
N SER A 155 -2.81 -12.00 -11.05
CA SER A 155 -2.74 -10.80 -11.87
C SER A 155 -2.75 -11.15 -13.35
N ILE A 156 -2.06 -12.23 -13.73
CA ILE A 156 -2.11 -12.69 -15.12
C ILE A 156 -3.52 -13.08 -15.50
N PHE A 157 -4.21 -13.81 -14.62
CA PHE A 157 -5.59 -14.22 -14.93
C PHE A 157 -6.50 -13.01 -15.09
N TRP A 158 -6.33 -12.00 -14.25
CA TRP A 158 -7.19 -10.82 -14.34
C TRP A 158 -6.92 -10.04 -15.62
N TRP A 159 -5.65 -9.89 -16.00
CA TRP A 159 -5.33 -9.20 -17.25
C TRP A 159 -5.92 -9.94 -18.44
N ILE A 160 -5.81 -11.27 -18.45
CA ILE A 160 -6.43 -12.04 -19.53
C ILE A 160 -7.94 -11.89 -19.49
N PHE A 161 -8.52 -11.96 -18.29
CA PHE A 161 -9.97 -11.80 -18.16
C PHE A 161 -10.42 -10.40 -18.53
N ALA A 162 -9.57 -9.39 -18.31
CA ALA A 162 -9.96 -8.03 -18.66
C ALA A 162 -9.94 -7.79 -20.17
N VAL A 163 -9.09 -8.51 -20.89
CA VAL A 163 -9.04 -8.34 -22.35
C VAL A 163 -10.19 -9.06 -23.03
N ILE A 164 -10.44 -10.31 -22.62
CA ILE A 164 -11.49 -11.10 -23.26
C ILE A 164 -12.88 -10.56 -22.94
N ILE A 165 -13.02 -9.78 -21.87
CA ILE A 165 -14.32 -9.22 -21.52
C ILE A 165 -14.51 -7.85 -22.16
N ALA A 166 -13.43 -7.25 -22.67
CA ALA A 166 -13.50 -5.96 -23.34
C ALA A 166 -13.63 -6.09 -24.85
N ILE A 167 -13.40 -7.29 -25.40
CA ILE A 167 -13.49 -7.49 -26.85
C ILE A 167 -14.75 -6.88 -27.45
N PRO A 168 -15.96 -7.15 -26.93
CA PRO A 168 -17.16 -6.59 -27.56
C PRO A 168 -17.38 -5.10 -27.30
N HIS A 169 -16.43 -4.44 -26.63
CA HIS A 169 -16.58 -3.04 -26.30
C HIS A 169 -15.75 -2.11 -27.19
N PHE A 170 -14.64 -2.61 -27.75
CA PHE A 170 -13.79 -1.78 -28.59
C PHE A 170 -13.66 -2.30 -30.01
N MET A 171 -13.94 -3.59 -30.24
CA MET A 171 -13.80 -4.17 -31.57
C MET A 171 -14.83 -3.62 -32.53
N VAL A 172 -15.94 -3.06 -32.02
CA VAL A 172 -16.98 -2.48 -32.86
C VAL A 172 -16.77 -0.99 -33.13
N VAL A 173 -15.85 -0.34 -32.43
CA VAL A 173 -15.64 1.09 -32.64
C VAL A 173 -14.71 1.26 -33.84
N THR A 174 -15.20 1.96 -34.86
CA THR A 174 -14.49 2.29 -36.09
C THR A 174 -14.67 3.78 -36.39
N LYS A 175 -14.08 4.22 -37.50
CA LYS A 175 -14.14 5.62 -37.91
C LYS A 175 -15.12 5.69 -39.09
N LYS A 176 -16.25 6.33 -38.83
CA LYS A 176 -17.34 6.54 -39.77
C LYS A 176 -17.71 8.01 -39.85
N ASP A 177 -17.71 8.55 -41.07
CA ASP A 177 -18.01 9.97 -41.31
C ASP A 177 -17.06 10.89 -40.55
N ASN A 178 -15.77 10.54 -40.64
CA ASN A 178 -14.65 11.24 -40.02
C ASN A 178 -14.77 11.39 -38.51
N GLN A 179 -15.47 10.47 -37.85
CA GLN A 179 -15.55 10.51 -36.40
C GLN A 179 -15.39 9.06 -35.95
N CYS A 180 -14.52 8.80 -34.98
CA CYS A 180 -14.44 7.43 -34.50
C CYS A 180 -15.69 7.13 -33.68
N MET A 181 -16.53 6.21 -34.15
CA MET A 181 -17.80 5.96 -33.50
C MET A 181 -18.15 4.48 -33.47
N THR A 182 -18.99 4.11 -32.51
CA THR A 182 -19.53 2.76 -32.40
C THR A 182 -20.31 2.49 -33.67
N ASP A 183 -19.86 1.54 -34.49
CA ASP A 183 -20.57 1.29 -35.74
C ASP A 183 -21.92 0.64 -35.48
N TYR A 184 -22.96 1.47 -35.39
CA TYR A 184 -24.32 1.04 -35.10
C TYR A 184 -25.01 0.42 -36.30
N ASP A 185 -24.51 0.69 -37.51
CA ASP A 185 -25.15 0.14 -38.71
C ASP A 185 -24.90 -1.34 -38.89
N TYR A 186 -23.73 -1.84 -38.48
CA TYR A 186 -23.45 -3.26 -38.59
C TYR A 186 -23.94 -4.05 -37.38
N LEU A 187 -24.57 -3.40 -36.41
CA LEU A 187 -25.13 -4.07 -35.25
C LEU A 187 -26.65 -3.93 -35.20
N GLU A 188 -27.26 -4.76 -34.37
CA GLU A 188 -28.70 -4.76 -34.13
C GLU A 188 -29.09 -3.58 -33.25
N VAL A 189 -30.36 -3.21 -33.32
CA VAL A 189 -30.83 -2.05 -32.57
C VAL A 189 -30.82 -2.32 -31.07
N SER A 190 -30.81 -3.60 -30.67
CA SER A 190 -30.82 -3.94 -29.25
C SER A 190 -29.44 -3.79 -28.63
N TYR A 191 -28.40 -3.68 -29.46
CA TYR A 191 -27.02 -3.65 -28.97
C TYR A 191 -26.73 -2.47 -28.05
N PRO A 192 -27.07 -1.22 -28.38
CA PRO A 192 -26.75 -0.13 -27.45
C PRO A 192 -27.51 -0.20 -26.13
N ILE A 193 -28.65 -0.89 -26.09
CA ILE A 193 -29.35 -1.03 -24.82
C ILE A 193 -28.63 -2.06 -23.95
N ILE A 194 -28.35 -3.24 -24.52
CA ILE A 194 -27.61 -4.28 -23.81
C ILE A 194 -26.24 -3.77 -23.39
N LEU A 195 -25.59 -3.00 -24.27
CA LEU A 195 -24.26 -2.48 -23.96
C LEU A 195 -24.27 -1.56 -22.75
N ASN A 196 -25.34 -0.78 -22.56
CA ASN A 196 -25.41 0.06 -21.39
C ASN A 196 -25.72 -0.74 -20.14
N VAL A 197 -26.68 -1.68 -20.24
CA VAL A 197 -27.04 -2.49 -19.07
C VAL A 197 -25.85 -3.33 -18.62
N GLU A 198 -25.15 -3.97 -19.58
CA GLU A 198 -23.98 -4.75 -19.22
C GLU A 198 -22.91 -3.87 -18.58
N LEU A 199 -22.74 -2.65 -19.09
CA LEU A 199 -21.73 -1.75 -18.55
C LEU A 199 -22.14 -1.22 -17.19
N MET A 200 -23.43 -1.02 -16.95
CA MET A 200 -23.88 -0.46 -15.68
C MET A 200 -23.74 -1.48 -14.56
N LEU A 201 -24.18 -2.71 -14.79
CA LEU A 201 -24.09 -3.72 -13.74
C LEU A 201 -22.70 -4.35 -13.68
N GLY A 202 -22.03 -4.48 -14.82
CA GLY A 202 -20.73 -5.13 -14.87
C GLY A 202 -19.59 -4.27 -14.34
N ALA A 203 -19.66 -2.96 -14.60
CA ALA A 203 -18.59 -2.04 -14.24
C ALA A 203 -18.86 -1.26 -12.95
N PHE A 204 -20.10 -1.23 -12.48
CA PHE A 204 -20.46 -0.48 -11.28
C PHE A 204 -21.11 -1.38 -10.24
N VAL A 205 -22.28 -1.96 -10.53
CA VAL A 205 -23.03 -2.72 -9.53
C VAL A 205 -22.17 -3.83 -8.94
N ILE A 206 -21.67 -4.73 -9.81
CA ILE A 206 -20.86 -5.85 -9.33
C ILE A 206 -19.60 -5.40 -8.61
N PRO A 207 -18.80 -4.46 -9.14
CA PRO A 207 -17.61 -4.04 -8.37
C PRO A 207 -17.97 -3.39 -7.06
N LEU A 208 -18.98 -2.52 -7.05
CA LEU A 208 -19.36 -1.83 -5.82
C LEU A 208 -19.94 -2.79 -4.80
N SER A 209 -20.64 -3.84 -5.26
CA SER A 209 -21.22 -4.80 -4.33
C SER A 209 -20.13 -5.62 -3.65
N VAL A 210 -19.10 -6.01 -4.39
CA VAL A 210 -18.04 -6.83 -3.82
C VAL A 210 -17.22 -6.03 -2.82
N ILE A 211 -16.73 -4.85 -3.23
CA ILE A 211 -15.88 -4.08 -2.33
C ILE A 211 -16.67 -3.56 -1.14
N SER A 212 -17.99 -3.42 -1.27
CA SER A 212 -18.79 -2.97 -0.13
C SER A 212 -19.00 -4.11 0.85
N TYR A 213 -19.38 -5.29 0.35
CA TYR A 213 -19.57 -6.45 1.21
C TYR A 213 -18.27 -6.83 1.90
N CYS A 214 -17.17 -6.86 1.15
CA CYS A 214 -15.88 -7.23 1.73
C CYS A 214 -15.48 -6.25 2.82
N TYR A 215 -15.51 -4.95 2.51
CA TYR A 215 -15.05 -3.97 3.49
C TYR A 215 -16.03 -3.80 4.64
N TYR A 216 -17.30 -4.13 4.44
CA TYR A 216 -18.25 -4.14 5.56
C TYR A 216 -17.92 -5.29 6.52
N ARG A 217 -17.71 -6.49 5.97
CA ARG A 217 -17.34 -7.63 6.79
C ARG A 217 -16.04 -7.37 7.53
N ILE A 218 -15.05 -6.79 6.84
CA ILE A 218 -13.76 -6.50 7.46
C ILE A 218 -13.94 -5.45 8.55
N SER A 219 -14.63 -4.35 8.25
CA SER A 219 -14.81 -3.29 9.23
C SER A 219 -15.57 -3.79 10.46
N ARG A 220 -16.48 -4.75 10.28
CA ARG A 220 -17.28 -5.22 11.41
C ARG A 220 -16.48 -6.12 12.33
N ILE A 221 -15.36 -6.66 11.85
CA ILE A 221 -14.49 -7.51 12.65
C ILE A 221 -13.41 -6.69 13.35
N VAL A 222 -12.81 -5.74 12.62
CA VAL A 222 -11.72 -4.92 13.16
C VAL A 222 -12.24 -3.98 14.23
N ALA A 223 -13.48 -3.50 14.09
CA ALA A 223 -14.03 -2.55 15.05
C ALA A 223 -14.13 -3.13 16.45
N VAL A 224 -14.18 -4.46 16.58
CA VAL A 224 -14.30 -5.09 17.89
C VAL A 224 -13.00 -5.75 18.33
N SER A 225 -11.97 -5.74 17.48
CA SER A 225 -10.68 -6.30 17.83
C SER A 225 -9.92 -5.33 18.73
N GLN A 226 -8.73 -5.75 19.18
CA GLN A 226 -7.91 -4.91 20.05
C GLN A 226 -6.78 -4.25 19.29
N SER A 227 -6.90 -4.13 17.97
CA SER A 227 -5.91 -3.44 17.16
C SER A 227 -5.85 -1.96 17.53
N ARG A 228 -4.63 -1.42 17.55
CA ARG A 228 -4.44 -0.02 17.92
C ARG A 228 -4.63 0.91 16.75
N HIS A 229 -5.04 0.38 15.59
CA HIS A 229 -5.34 1.19 14.41
C HIS A 229 -6.71 0.83 13.84
N LYS A 230 -7.58 0.22 14.65
CA LYS A 230 -8.89 -0.19 14.18
C LYS A 230 -9.69 1.01 13.69
N GLY A 231 -9.45 2.18 14.29
CA GLY A 231 -10.18 3.36 13.90
C GLY A 231 -9.82 3.80 12.49
N ARG A 232 -8.52 3.91 12.21
CA ARG A 232 -8.09 4.39 10.90
C ARG A 232 -8.36 3.34 9.83
N ILE A 233 -8.27 2.06 10.17
CA ILE A 233 -8.53 1.00 9.20
C ILE A 233 -9.93 1.15 8.62
N VAL A 234 -10.92 1.38 9.48
CA VAL A 234 -12.30 1.55 9.00
C VAL A 234 -12.42 2.80 8.16
N ARG A 235 -11.80 3.91 8.60
CA ARG A 235 -11.87 5.15 7.85
C ARG A 235 -11.23 5.01 6.47
N VAL A 236 -10.16 4.22 6.37
CA VAL A 236 -9.53 3.97 5.09
C VAL A 236 -10.46 3.20 4.17
N LEU A 237 -11.09 2.15 4.71
CA LEU A 237 -11.98 1.32 3.90
C LEU A 237 -13.24 2.06 3.48
N ILE A 238 -13.75 2.94 4.34
CA ILE A 238 -14.93 3.73 3.98
C ILE A 238 -14.59 4.69 2.84
N ALA A 239 -13.42 5.31 2.90
CA ALA A 239 -13.02 6.26 1.85
C ALA A 239 -12.95 5.58 0.49
N VAL A 240 -12.43 4.35 0.44
CA VAL A 240 -12.36 3.61 -0.82
C VAL A 240 -13.75 3.48 -1.44
N VAL A 241 -14.75 3.14 -0.62
CA VAL A 241 -16.11 2.97 -1.13
C VAL A 241 -16.70 4.33 -1.51
N LEU A 242 -16.51 5.34 -0.65
CA LEU A 242 -17.09 6.65 -0.91
C LEU A 242 -16.51 7.27 -2.18
N VAL A 243 -15.18 7.24 -2.33
CA VAL A 243 -14.56 7.83 -3.51
C VAL A 243 -15.03 7.11 -4.78
N PHE A 244 -15.14 5.78 -4.72
CA PHE A 244 -15.60 5.02 -5.88
C PHE A 244 -17.00 5.47 -6.29
N ILE A 245 -17.88 5.69 -5.31
CA ILE A 245 -19.25 6.10 -5.61
C ILE A 245 -19.27 7.52 -6.17
N ILE A 246 -18.64 8.46 -5.47
CA ILE A 246 -18.71 9.87 -5.87
C ILE A 246 -18.02 10.17 -7.18
N PHE A 247 -17.35 9.19 -7.79
CA PHE A 247 -16.65 9.40 -9.05
C PHE A 247 -17.24 8.60 -10.20
N TRP A 248 -17.90 7.46 -9.93
CA TRP A 248 -18.43 6.61 -10.97
C TRP A 248 -19.95 6.69 -11.06
N LEU A 249 -20.63 6.87 -9.92
CA LEU A 249 -22.09 6.93 -9.92
C LEU A 249 -22.66 8.02 -10.83
N PRO A 250 -22.12 9.24 -10.88
CA PRO A 250 -22.69 10.24 -11.81
C PRO A 250 -22.67 9.80 -13.26
N TYR A 251 -21.68 9.01 -13.67
CA TYR A 251 -21.65 8.59 -15.06
C TYR A 251 -22.68 7.50 -15.30
N HIS A 252 -22.75 6.52 -14.40
CA HIS A 252 -23.68 5.41 -14.58
C HIS A 252 -25.11 5.85 -14.35
N LEU A 253 -25.32 6.85 -13.50
CA LEU A 253 -26.66 7.36 -13.29
C LEU A 253 -27.14 8.17 -14.49
N THR A 254 -26.21 8.70 -15.28
CA THR A 254 -26.60 9.39 -16.51
C THR A 254 -26.85 8.38 -17.61
N LEU A 255 -26.15 7.25 -17.61
CA LEU A 255 -26.44 6.19 -18.55
C LEU A 255 -27.81 5.58 -18.28
N PHE A 256 -28.22 5.55 -17.00
CA PHE A 256 -29.50 4.95 -16.65
C PHE A 256 -30.64 5.78 -17.23
N VAL A 257 -30.53 7.11 -17.14
CA VAL A 257 -31.58 7.94 -17.69
C VAL A 257 -31.44 8.03 -19.19
N ASP A 258 -30.24 7.76 -19.72
CA ASP A 258 -30.05 7.69 -21.16
C ASP A 258 -30.60 6.38 -21.70
N THR A 259 -30.41 5.30 -20.96
CA THR A 259 -30.98 4.01 -21.35
C THR A 259 -32.50 4.07 -21.26
N LEU A 260 -33.02 4.77 -20.26
CA LEU A 260 -34.47 4.95 -20.14
C LEU A 260 -35.00 5.72 -21.33
N LYS A 261 -34.21 6.67 -21.85
CA LYS A 261 -34.60 7.42 -23.03
C LYS A 261 -34.63 6.53 -24.26
N LEU A 262 -33.58 5.73 -24.46
CA LEU A 262 -33.55 4.80 -25.59
C LEU A 262 -34.65 3.75 -25.46
N LEU A 263 -34.98 3.37 -24.22
CA LEU A 263 -35.97 2.34 -23.96
C LEU A 263 -37.39 2.87 -24.06
N LYS A 264 -37.57 4.16 -24.33
CA LYS A 264 -38.87 4.81 -24.47
C LYS A 264 -39.71 4.72 -23.21
N TRP A 265 -39.08 4.55 -22.04
CA TRP A 265 -39.82 4.50 -20.79
C TRP A 265 -40.21 5.91 -20.33
N ILE A 266 -39.39 6.90 -20.64
CA ILE A 266 -39.66 8.30 -20.33
C ILE A 266 -39.64 9.08 -21.63
N SER A 267 -40.31 10.23 -21.63
CA SER A 267 -40.27 11.07 -22.82
C SER A 267 -38.99 11.88 -22.84
N SER A 268 -38.60 12.34 -24.02
CA SER A 268 -37.38 13.13 -24.16
C SER A 268 -37.54 14.15 -25.28
N SER A 269 -37.59 15.43 -24.91
CA SER A 269 -37.61 16.50 -25.89
C SER A 269 -36.18 16.76 -26.38
N CYS A 270 -36.04 17.72 -27.29
CA CYS A 270 -34.71 18.10 -27.76
C CYS A 270 -33.89 18.69 -26.62
N GLU A 271 -34.49 19.57 -25.83
CA GLU A 271 -33.77 20.21 -24.73
C GLU A 271 -33.27 19.17 -23.74
N PHE A 272 -34.06 18.11 -23.51
CA PHE A 272 -33.65 17.09 -22.56
C PHE A 272 -32.42 16.34 -23.08
N GLU A 273 -32.40 16.03 -24.38
CA GLU A 273 -31.25 15.33 -24.96
C GLU A 273 -30.00 16.20 -24.92
N ARG A 274 -30.17 17.53 -24.94
CA ARG A 274 -29.02 18.42 -24.90
C ARG A 274 -28.46 18.48 -23.48
N SER A 275 -29.35 18.50 -22.49
CA SER A 275 -28.90 18.47 -21.10
C SER A 275 -28.25 17.13 -20.78
N LEU A 276 -28.83 16.05 -21.31
CA LEU A 276 -28.28 14.71 -21.08
C LEU A 276 -26.95 14.53 -21.80
N LYS A 277 -26.78 15.15 -22.96
CA LYS A 277 -25.51 15.10 -23.68
C LYS A 277 -24.40 15.76 -22.89
N ARG A 278 -24.65 16.98 -22.42
CA ARG A 278 -23.63 17.69 -21.65
C ARG A 278 -23.31 16.92 -20.38
N ALA A 279 -24.32 16.35 -19.75
CA ALA A 279 -24.11 15.58 -18.52
C ALA A 279 -23.21 14.37 -18.81
N LEU A 280 -23.42 13.72 -19.94
CA LEU A 280 -22.59 12.57 -20.30
C LEU A 280 -21.14 13.00 -20.51
N ILE A 281 -20.94 14.15 -21.15
CA ILE A 281 -19.58 14.65 -21.41
C ILE A 281 -18.91 15.04 -20.10
N LEU A 282 -19.61 15.79 -19.26
CA LEU A 282 -19.04 16.27 -17.99
C LEU A 282 -18.77 15.10 -17.05
N THR A 283 -19.77 14.24 -16.84
CA THR A 283 -19.61 13.14 -15.90
C THR A 283 -18.54 12.15 -16.39
N GLU A 284 -18.31 12.09 -17.70
CA GLU A 284 -17.26 11.21 -18.21
C GLU A 284 -15.89 11.71 -17.77
N SER A 285 -15.67 13.03 -17.83
CA SER A 285 -14.38 13.56 -17.40
C SER A 285 -14.22 13.42 -15.90
N LEU A 286 -15.33 13.44 -15.16
CA LEU A 286 -15.27 13.25 -13.72
C LEU A 286 -14.80 11.84 -13.37
N ALA A 287 -15.28 10.83 -14.11
CA ALA A 287 -14.90 9.46 -13.81
C ALA A 287 -13.44 9.17 -14.14
N PHE A 288 -12.82 9.99 -15.00
CA PHE A 288 -11.43 9.77 -15.35
C PHE A 288 -10.50 10.18 -14.22
N CYS A 289 -11.01 10.96 -13.26
CA CYS A 289 -10.20 11.42 -12.14
C CYS A 289 -10.01 10.31 -11.11
N HIS A 290 -10.82 9.25 -11.17
CA HIS A 290 -10.75 8.20 -10.17
C HIS A 290 -9.43 7.45 -10.24
N CYS A 291 -8.84 7.34 -11.44
CA CYS A 291 -7.58 6.62 -11.56
C CYS A 291 -6.43 7.44 -10.99
N CYS A 292 -6.64 8.73 -10.75
CA CYS A 292 -5.64 9.57 -10.10
C CYS A 292 -5.68 9.43 -8.59
N LEU A 293 -6.82 8.98 -8.04
CA LEU A 293 -7.01 8.84 -6.61
C LEU A 293 -6.62 7.47 -6.09
N ASN A 294 -6.50 6.48 -6.97
CA ASN A 294 -6.10 5.14 -6.54
C ASN A 294 -4.77 5.11 -5.78
N PRO A 295 -3.74 5.89 -6.15
CA PRO A 295 -2.54 5.92 -5.31
C PRO A 295 -2.80 6.44 -3.90
N LEU A 296 -3.76 7.36 -3.74
CA LEU A 296 -4.04 7.90 -2.42
C LEU A 296 -4.97 7.04 -1.60
N LEU A 297 -5.62 6.05 -2.24
CA LEU A 297 -6.64 5.24 -1.59
C LEU A 297 -6.10 3.92 -1.04
N TYR A 298 -4.99 3.44 -1.59
CA TYR A 298 -4.46 2.13 -1.22
C TYR A 298 -3.01 2.22 -0.78
N VAL A 299 -2.17 2.79 -1.62
CA VAL A 299 -0.73 2.79 -1.39
C VAL A 299 -0.30 3.89 -0.41
N PHE A 300 -0.50 5.15 -0.80
CA PHE A 300 0.01 6.27 -0.01
C PHE A 300 -0.82 6.59 1.23
N VAL A 301 -1.74 5.70 1.63
CA VAL A 301 -2.47 5.89 2.88
C VAL A 301 -1.78 5.14 4.03
N GLY A 302 -0.85 4.23 3.72
CA GLY A 302 -0.11 3.52 4.74
C GLY A 302 1.20 4.20 5.12
N THR A 303 1.49 4.19 6.42
CA THR A 303 2.66 4.90 6.95
C THR A 303 3.96 4.31 6.41
N LYS A 304 3.99 2.99 6.18
CA LYS A 304 5.21 2.36 5.67
C LYS A 304 5.58 2.92 4.31
N PHE A 305 4.59 3.17 3.45
CA PHE A 305 4.87 3.74 2.14
C PHE A 305 5.20 5.23 2.27
N ARG A 306 4.71 5.87 3.33
CA ARG A 306 5.05 7.28 3.57
C ARG A 306 6.50 7.42 4.00
N GLN A 307 6.96 6.56 4.91
CA GLN A 307 8.36 6.62 5.36
C GLN A 307 9.31 6.20 4.25
N GLU A 308 8.93 5.18 3.47
CA GLU A 308 9.76 4.70 2.38
C GLU A 308 9.95 5.75 1.30
N LEU A 309 8.86 6.46 0.97
CA LEU A 309 8.93 7.52 -0.04
C LEU A 309 9.83 8.66 0.41
N HIS A 310 9.87 8.96 1.70
CA HIS A 310 10.73 10.03 2.21
C HIS A 310 12.22 9.67 2.06
N YCM A 311 12.56 8.41 2.33
CA YCM A 311 13.93 7.96 2.26
CB YCM A 311 14.12 6.64 3.00
SG YCM A 311 13.76 6.68 4.72
CD YCM A 311 14.82 5.46 5.44
CE YCM A 311 14.44 4.04 5.10
OZ1 YCM A 311 15.28 3.25 4.63
NZ2 YCM A 311 13.15 3.63 5.31
C YCM A 311 14.44 7.81 0.82
O YCM A 311 15.62 7.56 0.56
N LEU A 312 13.51 7.95 -0.12
CA LEU A 312 13.84 7.86 -1.53
C LEU A 312 13.75 9.23 -2.21
N LEU A 313 12.70 10.00 -1.88
CA LEU A 313 12.57 11.33 -2.47
C LEU A 313 13.62 12.29 -1.95
N ALA A 314 14.24 11.98 -0.80
CA ALA A 314 15.28 12.80 -0.19
C ALA A 314 14.72 14.15 0.27
N GLU A 315 13.61 14.09 1.00
CA GLU A 315 12.93 15.28 1.53
C GLU A 315 12.65 16.33 0.46
N PRO A 332 -2.10 7.09 31.96
CA PRO A 332 -0.91 6.42 32.51
C PRO A 332 -1.12 4.91 32.68
N ARG A 333 -1.43 4.22 31.59
CA ARG A 333 -1.64 2.78 31.63
C ARG A 333 -1.27 2.20 30.27
N GLY A 334 -1.18 0.87 30.24
CA GLY A 334 -0.88 0.20 28.98
C GLY A 334 -2.00 0.38 27.97
N SER A 335 -1.63 0.34 26.69
CA SER A 335 -2.54 0.61 25.60
C SER A 335 -2.52 -0.56 24.63
N GLN A 336 -3.68 -1.22 24.48
CA GLN A 336 -4.02 -2.06 23.33
C GLN A 336 -3.26 -3.38 23.40
N VAL A 337 -2.70 -3.86 22.29
CA VAL A 337 -1.99 -5.12 22.19
C VAL A 337 -0.49 -4.93 22.37
N GLN A 338 0.11 -5.66 23.33
CA GLN A 338 1.54 -5.61 23.59
C GLN A 338 2.14 -6.97 23.23
N LEU A 339 3.35 -6.96 22.68
CA LEU A 339 4.05 -8.19 22.28
C LEU A 339 4.93 -8.73 23.40
N VAL A 340 4.51 -9.86 23.98
CA VAL A 340 5.25 -10.51 25.07
C VAL A 340 6.28 -11.46 24.46
N GLU A 341 7.56 -11.26 24.79
CA GLU A 341 8.65 -12.06 24.26
C GLU A 341 9.20 -13.01 25.32
N SER A 342 9.67 -14.17 24.85
CA SER A 342 10.26 -15.17 25.74
C SER A 342 11.04 -16.18 24.91
N GLY A 343 12.16 -16.65 25.47
CA GLY A 343 12.98 -17.66 24.85
C GLY A 343 14.45 -17.28 24.77
N GLY A 344 14.80 -16.13 25.33
CA GLY A 344 16.16 -15.66 25.35
C GLY A 344 17.00 -16.38 26.41
N GLY A 345 18.26 -15.96 26.49
CA GLY A 345 19.17 -16.50 27.48
C GLY A 345 20.60 -16.46 26.98
N LEU A 346 21.46 -17.18 27.71
CA LEU A 346 22.88 -17.27 27.42
C LEU A 346 23.29 -18.66 26.95
N VAL A 347 24.19 -18.70 25.97
CA VAL A 347 24.65 -19.96 25.40
C VAL A 347 26.06 -19.75 24.85
N ARG A 348 26.88 -20.78 25.01
CA ARG A 348 28.25 -20.80 24.51
C ARG A 348 28.29 -20.81 22.98
N PRO A 349 29.34 -20.26 22.38
CA PRO A 349 29.45 -20.24 20.91
C PRO A 349 29.31 -21.61 20.26
N GLY A 350 28.37 -21.69 19.32
CA GLY A 350 28.03 -22.91 18.61
C GLY A 350 26.75 -23.57 19.06
N GLY A 351 26.11 -23.06 20.10
CA GLY A 351 24.87 -23.60 20.62
C GLY A 351 23.67 -23.19 19.78
N SER A 352 22.48 -23.35 20.38
CA SER A 352 21.24 -23.03 19.70
C SER A 352 20.24 -22.50 20.71
N LEU A 353 19.40 -21.57 20.24
CA LEU A 353 18.34 -20.99 21.04
C LEU A 353 17.08 -20.88 20.19
N ARG A 354 15.93 -20.79 20.86
CA ARG A 354 14.64 -20.66 20.18
C ARG A 354 13.87 -19.50 20.78
N LEU A 355 13.82 -18.38 20.06
CA LEU A 355 13.07 -17.22 20.50
C LEU A 355 11.60 -17.42 20.13
N SER A 356 10.71 -16.98 21.01
CA SER A 356 9.28 -17.11 20.78
C SER A 356 8.60 -15.77 21.00
N CYS A 357 7.68 -15.43 20.10
CA CYS A 357 6.96 -14.18 20.16
C CYS A 357 5.51 -14.44 19.77
N ALA A 358 4.58 -13.79 20.47
CA ALA A 358 3.17 -13.94 20.19
C ALA A 358 2.43 -12.68 20.62
N ALA A 359 1.22 -12.52 20.09
CA ALA A 359 0.38 -11.38 20.42
C ALA A 359 -0.52 -11.74 21.59
N SER A 360 -0.53 -10.86 22.60
CA SER A 360 -1.32 -11.13 23.81
C SER A 360 -2.81 -10.90 23.57
N GLY A 361 -3.16 -9.84 22.83
CA GLY A 361 -4.54 -9.53 22.56
C GLY A 361 -5.06 -10.24 21.33
N SER A 362 -6.32 -9.97 21.01
CA SER A 362 -7.00 -10.55 19.86
C SER A 362 -6.99 -9.52 18.74
N ILE A 363 -6.11 -9.73 17.76
CA ILE A 363 -5.98 -8.85 16.60
C ILE A 363 -5.99 -9.73 15.34
N PHE A 364 -6.70 -9.27 14.31
CA PHE A 364 -6.89 -10.07 13.11
C PHE A 364 -6.30 -9.43 11.87
N THR A 365 -5.62 -8.28 12.00
CA THR A 365 -5.12 -7.53 10.86
C THR A 365 -3.62 -7.64 10.69
N ILE A 366 -2.96 -8.52 11.43
CA ILE A 366 -1.52 -8.73 11.27
C ILE A 366 -1.28 -9.71 10.13
N TYR A 367 -0.44 -9.31 9.17
CA TYR A 367 -0.15 -10.12 8.00
C TYR A 367 1.29 -10.59 7.93
N ALA A 368 2.19 -10.03 8.74
CA ALA A 368 3.60 -10.40 8.70
C ALA A 368 4.24 -10.05 10.04
N MET A 369 5.23 -10.85 10.42
CA MET A 369 6.01 -10.59 11.64
C MET A 369 7.48 -10.87 11.35
N GLY A 370 8.33 -10.31 12.18
CA GLY A 370 9.76 -10.48 11.98
C GLY A 370 10.52 -10.22 13.27
N TRP A 371 11.83 -10.40 13.18
CA TRP A 371 12.71 -10.18 14.33
C TRP A 371 13.72 -9.10 13.97
N TYR A 372 13.98 -8.22 14.94
CA TYR A 372 14.96 -7.16 14.83
C TYR A 372 15.86 -7.23 16.05
N ARG A 373 17.07 -6.69 15.91
CA ARG A 373 17.99 -6.69 17.04
C ARG A 373 18.73 -5.37 17.06
N GLN A 374 19.28 -5.07 18.23
CA GLN A 374 20.03 -3.83 18.44
C GLN A 374 21.16 -4.08 19.42
N ALA A 375 22.39 -4.06 18.96
CA ALA A 375 23.45 -4.26 19.92
C ALA A 375 23.66 -2.95 20.66
N PRO A 376 24.06 -3.00 21.94
CA PRO A 376 24.26 -1.74 22.68
C PRO A 376 25.20 -0.79 21.97
N GLY A 377 24.70 0.41 21.64
CA GLY A 377 25.53 1.36 20.95
C GLY A 377 25.53 1.24 19.43
N LYS A 378 24.68 0.40 18.87
CA LYS A 378 24.60 0.19 17.44
C LYS A 378 23.17 0.35 16.97
N GLN A 379 22.97 0.37 15.67
CA GLN A 379 21.62 0.61 15.19
C GLN A 379 20.83 -0.68 15.04
N ARG A 380 19.52 -0.50 14.87
CA ARG A 380 18.57 -1.59 14.68
C ARG A 380 18.65 -2.16 13.26
N GLU A 381 18.79 -3.48 13.16
CA GLU A 381 18.95 -4.15 11.88
C GLU A 381 17.99 -5.33 11.81
N LEU A 382 17.52 -5.62 10.61
CA LEU A 382 16.64 -6.76 10.39
C LEU A 382 17.44 -8.06 10.30
N VAL A 383 16.92 -9.12 10.92
CA VAL A 383 17.64 -10.39 10.89
C VAL A 383 16.76 -11.50 10.30
N ALA A 384 15.45 -11.40 10.48
CA ALA A 384 14.55 -12.44 9.98
C ALA A 384 13.13 -11.91 9.91
N ARG A 385 12.53 -11.92 8.72
CA ARG A 385 11.14 -11.49 8.55
C ARG A 385 10.39 -12.55 7.75
N ILE A 386 9.19 -12.89 8.22
CA ILE A 386 8.34 -13.86 7.54
C ILE A 386 6.91 -13.32 7.48
N THR A 387 6.28 -13.48 6.33
CA THR A 387 4.89 -13.09 6.17
C THR A 387 3.98 -14.29 6.44
N PHE A 388 2.69 -14.04 6.60
CA PHE A 388 1.77 -15.14 6.84
C PHE A 388 1.48 -15.92 5.57
N GLY A 389 1.93 -15.41 4.43
CA GLY A 389 1.80 -16.11 3.16
C GLY A 389 2.86 -17.16 2.94
N GLY A 390 4.01 -17.00 3.60
CA GLY A 390 5.10 -17.95 3.54
C GLY A 390 6.43 -17.36 3.09
N ASP A 391 6.41 -16.23 2.37
CA ASP A 391 7.63 -15.63 1.87
C ASP A 391 8.51 -15.17 3.03
N THR A 392 9.75 -15.67 3.06
CA THR A 392 10.69 -15.35 4.13
C THR A 392 11.80 -14.44 3.59
N ASN A 393 12.39 -13.67 4.50
CA ASN A 393 13.48 -12.77 4.14
C ASN A 393 14.51 -12.74 5.26
N TYR A 394 15.75 -13.08 4.94
CA TYR A 394 16.83 -13.12 5.90
C TYR A 394 17.89 -12.08 5.53
N ALA A 395 18.71 -11.74 6.52
CA ALA A 395 19.84 -10.85 6.28
C ALA A 395 20.98 -11.63 5.64
N ASP A 396 21.92 -10.88 5.06
CA ASP A 396 23.05 -11.51 4.37
C ASP A 396 23.93 -12.29 5.34
N SER A 397 24.21 -11.71 6.51
CA SER A 397 25.14 -12.34 7.45
C SER A 397 24.52 -13.54 8.15
N VAL A 398 23.20 -13.59 8.26
CA VAL A 398 22.53 -14.58 9.09
C VAL A 398 22.10 -15.80 8.29
N LYS A 399 21.65 -15.59 7.05
CA LYS A 399 21.17 -16.65 6.16
C LYS A 399 22.05 -17.89 6.24
N GLY A 400 21.42 -19.03 6.49
CA GLY A 400 22.11 -20.30 6.57
C GLY A 400 22.32 -20.81 7.98
N ARG A 401 22.10 -19.98 9.00
CA ARG A 401 22.30 -20.35 10.38
C ARG A 401 21.01 -20.30 11.18
N PHE A 402 20.23 -19.23 11.04
CA PHE A 402 18.95 -19.08 11.72
C PHE A 402 17.82 -19.52 10.79
N THR A 403 16.77 -20.06 11.39
CA THR A 403 15.60 -20.51 10.64
C THR A 403 14.37 -19.93 11.32
N ILE A 404 13.59 -19.13 10.57
CA ILE A 404 12.40 -18.48 11.12
C ILE A 404 11.17 -19.28 10.70
N SER A 405 10.22 -19.42 11.62
CA SER A 405 8.97 -20.09 11.38
C SER A 405 7.86 -19.34 12.08
N ARG A 406 6.62 -19.63 11.69
CA ARG A 406 5.47 -18.94 12.26
C ARG A 406 4.31 -19.91 12.44
N ASP A 407 3.28 -19.43 13.11
CA ASP A 407 2.01 -20.16 13.31
C ASP A 407 0.95 -19.09 13.13
N ASN A 408 0.14 -19.19 12.07
CA ASN A 408 -0.95 -18.23 11.85
C ASN A 408 -2.09 -18.34 12.86
N ALA A 409 -2.51 -19.54 13.23
CA ALA A 409 -3.65 -19.68 14.14
C ALA A 409 -3.41 -19.10 15.52
N LYS A 410 -2.17 -19.10 15.99
CA LYS A 410 -1.77 -18.53 17.28
C LYS A 410 -1.06 -17.18 17.16
N ASN A 411 -0.78 -16.71 15.94
CA ASN A 411 -0.04 -15.45 15.71
C ASN A 411 1.28 -15.47 16.47
N ALA A 412 1.99 -16.59 16.34
CA ALA A 412 3.25 -16.85 17.01
C ALA A 412 4.33 -16.96 15.94
N VAL A 413 5.53 -16.51 16.27
CA VAL A 413 6.67 -16.59 15.37
C VAL A 413 7.87 -17.08 16.18
N TYR A 414 8.53 -18.12 15.68
CA TYR A 414 9.67 -18.72 16.35
C TYR A 414 10.91 -18.57 15.48
N LEU A 415 12.05 -18.34 16.14
CA LEU A 415 13.32 -18.16 15.43
C LEU A 415 14.33 -19.12 16.03
N GLN A 416 14.65 -20.17 15.28
CA GLN A 416 15.67 -21.12 15.70
C GLN A 416 17.03 -20.54 15.33
N MET A 417 17.89 -20.33 16.32
CA MET A 417 19.18 -19.69 16.09
C MET A 417 20.30 -20.71 16.28
N ASN A 418 20.60 -21.44 15.20
CA ASN A 418 21.65 -22.45 15.21
C ASN A 418 22.99 -21.83 14.82
N SER A 419 24.07 -22.46 15.30
CA SER A 419 25.43 -22.02 15.00
C SER A 419 25.64 -20.55 15.35
N LEU A 420 25.46 -20.24 16.63
CA LEU A 420 25.55 -18.86 17.09
C LEU A 420 27.01 -18.40 17.16
N LYS A 421 27.23 -17.13 16.79
CA LYS A 421 28.54 -16.50 16.79
C LYS A 421 28.60 -15.37 17.82
N PRO A 422 29.79 -15.05 18.33
CA PRO A 422 29.91 -13.94 19.29
C PRO A 422 29.41 -12.61 18.74
N GLU A 423 29.37 -12.43 17.42
CA GLU A 423 28.92 -11.19 16.82
C GLU A 423 27.41 -11.03 16.84
N ASP A 424 26.67 -12.10 17.15
CA ASP A 424 25.21 -12.06 17.21
C ASP A 424 24.68 -11.59 18.56
N THR A 425 25.57 -11.17 19.46
CA THR A 425 25.18 -10.72 20.80
C THR A 425 24.50 -9.36 20.73
N ALA A 426 23.18 -9.34 20.92
CA ALA A 426 22.41 -8.10 20.89
C ALA A 426 21.08 -8.36 21.59
N VAL A 427 20.23 -7.34 21.60
CA VAL A 427 18.89 -7.43 22.15
C VAL A 427 17.92 -7.63 21.00
N TYR A 428 17.28 -8.80 20.95
CA TYR A 428 16.41 -9.17 19.85
C TYR A 428 14.98 -8.69 20.10
N TYR A 429 14.48 -7.84 19.22
CA TYR A 429 13.13 -7.30 19.30
C TYR A 429 12.22 -7.98 18.28
N CYS A 430 10.96 -8.15 18.67
CA CYS A 430 9.94 -8.74 17.82
C CYS A 430 9.06 -7.64 17.24
N ASN A 431 8.75 -7.74 15.95
CA ASN A 431 7.96 -6.74 15.26
C ASN A 431 6.84 -7.40 14.48
N ALA A 432 5.70 -6.71 14.41
CA ALA A 432 4.54 -7.18 13.68
C ALA A 432 4.02 -6.08 12.78
N GLU A 433 3.61 -6.43 11.57
CA GLU A 433 3.09 -5.50 10.58
C GLU A 433 1.60 -5.72 10.38
N GLU A 434 0.89 -4.65 10.05
CA GLU A 434 -0.55 -4.68 9.96
C GLU A 434 -1.01 -4.30 8.55
N THR A 435 -2.10 -4.93 8.11
CA THR A 435 -2.63 -4.75 6.76
C THR A 435 -3.41 -3.44 6.67
N ILE A 436 -3.66 -3.02 5.43
CA ILE A 436 -4.46 -1.83 5.11
C ILE A 436 -3.82 -0.57 5.68
N VAL A 437 -3.70 -0.51 7.01
CA VAL A 437 -3.09 0.66 7.63
C VAL A 437 -1.59 0.69 7.41
N GLU A 438 -1.00 -0.48 7.12
CA GLU A 438 0.43 -0.63 6.83
C GLU A 438 1.31 -0.03 7.94
N GLU A 439 0.97 -0.38 9.18
CA GLU A 439 1.71 0.06 10.35
C GLU A 439 2.53 -1.08 10.94
N ALA A 440 3.68 -0.75 11.50
CA ALA A 440 4.55 -1.72 12.13
C ALA A 440 5.02 -1.24 13.49
N ASP A 441 4.11 -0.61 14.25
CA ASP A 441 4.44 -0.11 15.58
C ASP A 441 4.17 -1.13 16.68
N TYR A 442 4.15 -2.41 16.35
CA TYR A 442 4.02 -3.48 17.33
C TYR A 442 5.41 -4.01 17.65
N TRP A 443 5.92 -3.69 18.84
CA TRP A 443 7.25 -4.09 19.24
C TRP A 443 7.21 -4.81 20.57
N GLY A 444 8.21 -5.68 20.79
CA GLY A 444 8.33 -6.37 22.05
C GLY A 444 9.27 -5.66 23.01
N GLN A 445 9.32 -6.17 24.25
CA GLN A 445 10.16 -5.55 25.27
C GLN A 445 11.65 -5.74 24.96
N GLY A 446 12.00 -6.82 24.28
CA GLY A 446 13.39 -7.11 23.93
C GLY A 446 14.02 -8.12 24.86
N THR A 447 14.56 -9.19 24.30
CA THR A 447 15.24 -10.23 25.07
C THR A 447 16.73 -10.21 24.78
N GLN A 448 17.53 -10.52 25.81
CA GLN A 448 18.99 -10.49 25.69
C GLN A 448 19.50 -11.87 25.28
N VAL A 449 20.37 -11.89 24.27
CA VAL A 449 21.03 -13.12 23.81
C VAL A 449 22.53 -12.85 23.78
N THR A 450 23.29 -13.51 24.66
CA THR A 450 24.74 -13.31 24.69
C THR A 450 25.45 -14.60 24.30
N VAL A 451 26.31 -14.51 23.29
CA VAL A 451 27.10 -15.64 22.79
C VAL A 451 28.57 -15.30 23.00
N SER A 452 29.20 -15.92 23.99
CA SER A 452 30.62 -15.66 24.26
C SER A 452 31.13 -16.64 25.29
N SER A 453 32.41 -16.49 25.64
CA SER A 453 33.01 -17.21 26.77
C SER A 453 32.93 -16.33 28.02
N ARG A 454 31.69 -16.20 28.50
CA ARG A 454 31.35 -15.26 29.55
C ARG A 454 31.85 -15.76 30.91
N ALA A 455 31.66 -14.92 31.93
CA ALA A 455 31.94 -15.26 33.31
C ALA A 455 30.74 -14.88 34.17
N LEU A 456 30.47 -15.67 35.19
CA LEU A 456 29.31 -15.47 36.05
C LEU A 456 29.79 -15.16 37.47
N GLU A 457 29.05 -14.29 38.15
CA GLU A 457 29.37 -13.91 39.53
C GLU A 457 28.05 -13.70 40.27
N VAL A 458 27.65 -14.68 41.09
CA VAL A 458 26.43 -14.57 41.86
C VAL A 458 26.64 -13.57 43.00
N LEU A 459 25.76 -12.57 43.07
CA LEU A 459 25.89 -11.48 44.03
C LEU A 459 25.00 -11.77 45.23
N PHE A 460 25.63 -11.94 46.39
CA PHE A 460 24.87 -12.20 47.62
C PHE A 460 25.70 -11.86 48.86
N LEU B 1 -12.61 7.21 -24.31
CA LEU B 1 -13.97 7.77 -24.40
C LEU B 1 -15.03 6.73 -24.05
N LEU B 2 -15.84 7.03 -23.03
CA LEU B 2 -16.91 6.16 -22.61
C LEU B 2 -18.11 6.28 -23.56
N PRO B 3 -18.98 5.28 -23.58
CA PRO B 3 -20.09 5.30 -24.55
C PRO B 3 -21.05 6.46 -24.34
N HIS B 4 -21.75 6.81 -25.42
CA HIS B 4 -22.81 7.81 -25.46
C HIS B 4 -22.30 9.21 -25.14
N ALA B 5 -21.03 9.34 -24.76
CA ALA B 5 -20.44 10.64 -24.46
C ALA B 5 -19.51 11.12 -25.56
N ASN B 6 -19.63 10.59 -26.77
CA ASN B 6 -18.83 11.07 -27.88
C ASN B 6 -19.40 12.37 -28.45
N TYR B 7 -18.64 13.00 -29.33
CA TYR B 7 -18.93 14.33 -29.82
C TYR B 7 -19.64 14.25 -31.17
N CYS B 8 -20.94 13.98 -31.12
CA CYS B 8 -21.78 13.99 -32.31
C CYS B 8 -22.63 15.25 -32.31
N ALA B 9 -22.83 15.82 -33.49
CA ALA B 9 -23.54 17.09 -33.62
C ALA B 9 -25.01 16.93 -33.97
N ILE B 10 -25.41 15.79 -34.52
CA ILE B 10 -26.78 15.57 -34.99
C ILE B 10 -27.33 14.30 -34.35
N THR B 11 -28.56 14.37 -33.85
CA THR B 11 -29.26 13.21 -33.33
C THR B 11 -30.71 13.27 -33.76
N CYS B 12 -31.22 12.16 -34.29
CA CYS B 12 -32.60 12.07 -34.75
C CYS B 12 -33.42 11.28 -33.74
N SER B 13 -34.60 11.80 -33.40
CA SER B 13 -35.49 11.15 -32.45
C SER B 13 -36.66 10.43 -33.11
N LYS B 14 -37.13 10.93 -34.26
CA LYS B 14 -38.23 10.31 -34.98
C LYS B 14 -38.12 10.65 -36.46
N MET B 15 -38.61 9.74 -37.30
CA MET B 15 -38.56 9.91 -38.74
C MET B 15 -39.89 10.45 -39.26
N THR B 16 -39.83 11.08 -40.43
CA THR B 16 -41.02 11.63 -41.06
C THR B 16 -41.86 10.52 -41.69
N SER B 17 -43.17 10.73 -41.70
CA SER B 17 -44.07 9.76 -42.33
C SER B 17 -43.86 9.72 -43.84
N LYS B 18 -44.08 10.84 -44.51
CA LYS B 18 -43.83 10.94 -45.94
C LYS B 18 -43.57 12.39 -46.30
N ILE B 19 -42.65 12.61 -47.21
CA ILE B 19 -42.31 13.94 -47.72
C ILE B 19 -42.73 13.97 -49.20
N PRO B 20 -43.57 14.91 -49.61
CA PRO B 20 -43.91 15.01 -51.03
C PRO B 20 -42.68 15.35 -51.86
N VAL B 21 -42.56 14.68 -53.02
CA VAL B 21 -41.36 14.80 -53.83
C VAL B 21 -41.16 16.22 -54.38
N ALA B 22 -42.22 17.02 -54.44
CA ALA B 22 -42.15 18.36 -55.01
C ALA B 22 -41.82 19.43 -53.98
N LEU B 23 -41.71 19.08 -52.70
CA LEU B 23 -41.42 20.05 -51.66
C LEU B 23 -39.97 20.05 -51.19
N LEU B 24 -39.24 18.96 -51.41
CA LEU B 24 -37.86 18.88 -50.98
C LEU B 24 -36.94 19.56 -51.99
N ILE B 25 -35.83 20.11 -51.48
CA ILE B 25 -34.88 20.82 -52.34
C ILE B 25 -33.50 20.20 -52.23
N HIS B 26 -33.21 19.55 -51.10
CA HIS B 26 -31.88 19.00 -50.87
C HIS B 26 -31.93 17.97 -49.76
N TYR B 27 -31.10 16.93 -49.90
CA TYR B 27 -30.87 15.95 -48.86
C TYR B 27 -29.36 15.81 -48.68
N GLN B 28 -28.90 15.83 -47.44
CA GLN B 28 -27.49 15.71 -47.12
C GLN B 28 -27.28 14.51 -46.20
N GLN B 29 -26.43 13.58 -46.63
CA GLN B 29 -26.10 12.46 -45.78
C GLN B 29 -25.33 12.95 -44.55
N ASN B 30 -25.65 12.38 -43.39
CA ASN B 30 -25.15 12.85 -42.11
C ASN B 30 -23.62 12.96 -42.09
N GLN B 31 -23.12 14.19 -42.05
CA GLN B 31 -21.68 14.39 -41.91
C GLN B 31 -21.17 13.81 -40.60
N ALA B 32 -21.95 13.94 -39.53
CA ALA B 32 -21.64 13.37 -38.23
C ALA B 32 -22.94 13.19 -37.48
N SER B 33 -23.08 12.07 -36.79
CA SER B 33 -24.33 11.75 -36.10
C SER B 33 -24.06 10.66 -35.07
N CYS B 34 -24.93 10.61 -34.06
CA CYS B 34 -24.82 9.58 -33.02
C CYS B 34 -25.55 8.30 -33.41
N GLY B 35 -26.85 8.41 -33.70
CA GLY B 35 -27.67 7.25 -33.95
C GLY B 35 -27.38 6.55 -35.27
N LYS B 36 -28.35 5.78 -35.75
CA LYS B 36 -28.19 5.05 -36.99
C LYS B 36 -28.11 6.03 -38.16
N ARG B 37 -27.94 5.47 -39.37
CA ARG B 37 -27.91 6.29 -40.57
C ARG B 37 -29.20 7.08 -40.70
N ALA B 38 -29.07 8.40 -40.83
CA ALA B 38 -30.22 9.28 -40.94
C ALA B 38 -29.97 10.33 -42.01
N ILE B 39 -30.94 10.51 -42.91
CA ILE B 39 -30.85 11.48 -43.98
C ILE B 39 -31.62 12.73 -43.56
N ILE B 40 -31.01 13.89 -43.75
CA ILE B 40 -31.62 15.17 -43.40
C ILE B 40 -32.26 15.74 -44.66
N LEU B 41 -33.58 15.88 -44.63
CA LEU B 41 -34.34 16.40 -45.77
C LEU B 41 -34.65 17.87 -45.52
N GLU B 42 -34.22 18.73 -46.45
CA GLU B 42 -34.52 20.15 -46.40
C GLU B 42 -35.69 20.43 -47.34
N THR B 43 -36.80 20.90 -46.78
CA THR B 43 -37.98 21.19 -47.58
C THR B 43 -37.85 22.56 -48.24
N ARG B 44 -38.83 22.87 -49.09
CA ARG B 44 -38.92 24.22 -49.67
C ARG B 44 -39.15 25.27 -48.59
N GLN B 45 -39.68 24.86 -47.44
CA GLN B 45 -39.91 25.75 -46.30
C GLN B 45 -38.65 26.02 -45.49
N HIS B 46 -37.49 25.53 -45.93
CA HIS B 46 -36.22 25.71 -45.22
C HIS B 46 -36.29 25.16 -43.80
N ARG B 47 -36.92 24.00 -43.64
CA ARG B 47 -37.03 23.35 -42.34
C ARG B 47 -36.53 21.92 -42.46
N LEU B 48 -35.64 21.53 -41.55
CA LEU B 48 -34.97 20.23 -41.61
C LEU B 48 -35.83 19.15 -40.96
N PHE B 49 -35.69 17.93 -41.48
CA PHE B 49 -36.44 16.79 -40.99
C PHE B 49 -35.58 15.53 -41.12
N CYS B 50 -35.76 14.61 -40.19
CA CYS B 50 -35.07 13.34 -40.21
C CYS B 50 -35.84 12.33 -41.05
N ALA B 51 -35.10 11.47 -41.76
CA ALA B 51 -35.71 10.47 -42.62
C ALA B 51 -34.94 9.17 -42.53
N ASP B 52 -35.67 8.05 -42.54
CA ASP B 52 -35.03 6.74 -42.50
C ASP B 52 -34.52 6.38 -43.89
N PRO B 53 -33.29 5.89 -44.01
CA PRO B 53 -32.76 5.59 -45.35
C PRO B 53 -33.34 4.33 -45.97
N LYS B 54 -33.70 3.33 -45.16
CA LYS B 54 -34.24 2.07 -45.68
C LYS B 54 -35.75 2.17 -45.85
N GLU B 55 -36.15 2.98 -46.83
CA GLU B 55 -37.56 3.16 -47.17
C GLU B 55 -37.72 3.25 -48.68
N GLN B 56 -38.90 2.85 -49.16
CA GLN B 56 -39.16 2.86 -50.59
C GLN B 56 -39.37 4.28 -51.10
N TRP B 57 -40.10 5.11 -50.34
CA TRP B 57 -40.35 6.48 -50.77
C TRP B 57 -39.17 7.40 -50.52
N VAL B 58 -38.29 7.05 -49.57
CA VAL B 58 -37.09 7.86 -49.35
C VAL B 58 -36.04 7.55 -50.41
N LYS B 59 -35.96 6.30 -50.86
CA LYS B 59 -34.94 5.92 -51.84
C LYS B 59 -35.12 6.68 -53.15
N ASP B 60 -36.36 6.77 -53.63
CA ASP B 60 -36.62 7.47 -54.89
C ASP B 60 -36.48 8.97 -54.73
N ALA B 61 -36.82 9.51 -53.54
CA ALA B 61 -36.64 10.93 -53.30
C ALA B 61 -35.16 11.32 -53.30
N MET B 62 -34.28 10.37 -52.98
CA MET B 62 -32.85 10.62 -53.08
C MET B 62 -32.35 10.56 -54.52
N GLN B 63 -33.09 9.90 -55.41
CA GLN B 63 -32.73 9.90 -56.83
C GLN B 63 -33.27 11.14 -57.54
N HIS B 64 -34.42 11.66 -57.11
CA HIS B 64 -34.97 12.87 -57.72
C HIS B 64 -34.17 14.10 -57.30
N LEU B 65 -33.83 14.21 -56.02
CA LEU B 65 -33.11 15.39 -55.55
C LEU B 65 -31.69 15.42 -56.10
N ASP B 66 -30.98 14.29 -56.05
CA ASP B 66 -29.60 14.26 -56.51
C ASP B 66 -29.49 14.58 -57.99
N ARG B 67 -30.49 14.20 -58.79
CA ARG B 67 -30.46 14.49 -60.21
C ARG B 67 -30.68 15.96 -60.49
N GLN B 68 -31.63 16.58 -59.77
CA GLN B 68 -31.94 17.99 -59.97
C GLN B 68 -30.99 18.91 -59.22
N ALA B 69 -30.29 18.41 -58.21
CA ALA B 69 -29.34 19.23 -57.46
C ALA B 69 -28.04 19.47 -58.21
N ALA B 70 -27.72 18.63 -59.20
CA ALA B 70 -26.53 18.82 -60.02
C ALA B 70 -26.61 20.15 -60.76
N ALA B 71 -25.78 21.11 -60.38
CA ALA B 71 -25.86 22.45 -60.93
C ALA B 71 -25.59 22.46 -62.43
N LEU B 72 -26.61 22.86 -63.20
CA LEU B 72 -26.47 23.10 -64.64
C LEU B 72 -25.95 21.86 -65.36
N THR B 73 -26.72 20.78 -65.25
CA THR B 73 -26.34 19.51 -65.85
C THR B 73 -27.56 18.81 -66.47
N PCA C 1 36.47 -4.07 19.68
CA PCA C 1 35.34 -4.40 20.54
CB PCA C 1 35.32 -5.88 20.87
CG PCA C 1 36.71 -6.39 20.55
CD PCA C 1 37.28 -5.29 19.72
OE PCA C 1 38.34 -5.42 19.11
C PCA C 1 35.42 -3.59 21.83
O PCA C 1 36.14 -2.60 21.90
N LEU C 2 34.68 -4.02 22.85
CA LEU C 2 34.78 -3.41 24.16
C LEU C 2 35.58 -4.30 25.10
N GLN C 3 36.68 -3.76 25.62
CA GLN C 3 37.46 -4.45 26.62
C GLN C 3 37.67 -3.54 27.82
N LEU C 4 37.51 -4.09 29.01
CA LEU C 4 37.64 -3.33 30.25
C LEU C 4 39.06 -3.46 30.81
N VAL C 5 39.47 -2.43 31.56
CA VAL C 5 40.78 -2.37 32.18
C VAL C 5 40.62 -1.73 33.54
N GLU C 6 41.03 -2.44 34.60
CA GLU C 6 41.01 -1.92 35.96
C GLU C 6 42.43 -1.59 36.40
N SER C 7 42.57 -0.47 37.09
CA SER C 7 43.89 0.05 37.47
C SER C 7 43.87 0.56 38.91
N GLY C 8 43.18 -0.15 39.79
CA GLY C 8 43.15 0.22 41.19
C GLY C 8 43.60 -0.91 42.11
N GLY C 9 44.70 -0.72 42.81
CA GLY C 9 45.21 -1.74 43.69
C GLY C 9 46.14 -1.17 44.73
N GLY C 10 46.93 -2.06 45.33
CA GLY C 10 47.88 -1.70 46.34
C GLY C 10 47.80 -2.62 47.54
N LEU C 11 48.72 -2.38 48.49
CA LEU C 11 48.82 -3.15 49.72
C LEU C 11 48.54 -2.22 50.89
N VAL C 12 47.40 -2.40 51.53
CA VAL C 12 47.02 -1.61 52.69
C VAL C 12 46.41 -2.54 53.74
N GLN C 13 46.85 -2.38 54.99
CA GLN C 13 46.34 -3.17 56.10
C GLN C 13 44.89 -2.76 56.39
N PRO C 14 44.17 -3.55 57.20
CA PRO C 14 42.79 -3.19 57.53
C PRO C 14 42.67 -1.76 58.05
N GLY C 15 41.77 -0.99 57.44
CA GLY C 15 41.58 0.41 57.75
C GLY C 15 41.93 1.34 56.61
N GLY C 16 42.68 0.87 55.61
CA GLY C 16 43.09 1.70 54.51
C GLY C 16 41.93 2.05 53.58
N SER C 17 42.27 2.78 52.53
CA SER C 17 41.27 3.24 51.57
C SER C 17 41.92 3.31 50.19
N LEU C 18 41.45 2.46 49.28
CA LEU C 18 41.89 2.46 47.89
C LEU C 18 40.72 2.85 46.99
N ARG C 19 41.04 3.08 45.72
CA ARG C 19 40.03 3.40 44.70
C ARG C 19 40.22 2.46 43.53
N LEU C 20 39.16 1.73 43.18
CA LEU C 20 39.20 0.76 42.09
C LEU C 20 38.71 1.47 40.83
N SER C 21 39.64 1.81 39.94
CA SER C 21 39.34 2.54 38.72
C SER C 21 39.27 1.57 37.55
N CYS C 22 38.09 1.48 36.94
CA CYS C 22 37.84 0.60 35.79
C CYS C 22 37.53 1.47 34.58
N ALA C 23 38.45 1.49 33.61
CA ALA C 23 38.28 2.26 32.39
C ALA C 23 37.90 1.35 31.23
N ALA C 24 37.11 1.90 30.30
CA ALA C 24 36.67 1.18 29.12
C ALA C 24 37.56 1.53 27.94
N SER C 25 37.98 0.51 27.19
CA SER C 25 38.90 0.69 26.07
C SER C 25 38.29 0.03 24.83
N GLY C 26 37.82 0.86 23.90
CA GLY C 26 37.25 0.40 22.64
C GLY C 26 35.82 0.84 22.42
N TYR C 27 35.05 0.96 23.50
CA TYR C 27 33.67 1.42 23.43
C TYR C 27 33.35 2.25 24.65
N SER C 28 32.79 3.44 24.45
CA SER C 28 32.30 4.23 25.57
C SER C 28 31.17 3.48 26.25
N LEU C 29 31.35 3.19 27.54
CA LEU C 29 30.42 2.34 28.29
C LEU C 29 29.26 3.14 28.86
N GLU C 30 28.67 4.01 28.06
CA GLU C 30 27.42 4.62 28.49
C GLU C 30 26.26 3.62 28.45
N TYR C 31 26.44 2.45 27.83
CA TYR C 31 25.33 1.60 27.45
C TYR C 31 25.29 0.26 28.18
N TYR C 32 26.31 -0.08 28.96
CA TYR C 32 26.36 -1.35 29.66
C TYR C 32 26.19 -1.15 31.15
N ALA C 33 25.66 -2.18 31.81
CA ALA C 33 25.60 -2.25 33.26
C ALA C 33 26.91 -2.87 33.74
N ILE C 34 27.74 -2.08 34.40
CA ILE C 34 29.06 -2.50 34.84
C ILE C 34 29.03 -2.75 36.33
N GLY C 35 29.60 -3.89 36.76
CA GLY C 35 29.64 -4.22 38.16
C GLY C 35 30.99 -4.80 38.53
N TRP C 36 31.27 -4.77 39.83
CA TRP C 36 32.50 -5.29 40.39
C TRP C 36 32.25 -6.64 41.07
N PHE C 37 33.17 -7.57 40.88
CA PHE C 37 33.14 -8.83 41.58
C PHE C 37 34.57 -9.24 41.94
N ARG C 38 34.70 -9.97 43.04
CA ARG C 38 36.01 -10.34 43.57
C ARG C 38 36.09 -11.86 43.72
N GLN C 39 37.31 -12.34 43.96
CA GLN C 39 37.52 -13.76 44.22
C GLN C 39 38.82 -13.91 45.02
N ALA C 40 38.68 -14.24 46.29
CA ALA C 40 39.86 -14.47 47.13
C ALA C 40 40.55 -15.76 46.71
N PRO C 41 41.87 -15.85 46.90
CA PRO C 41 42.60 -17.06 46.51
C PRO C 41 42.04 -18.31 47.18
N GLY C 42 41.49 -19.21 46.38
CA GLY C 42 40.92 -20.44 46.86
C GLY C 42 39.43 -20.43 47.10
N LYS C 43 38.76 -19.32 46.82
CA LYS C 43 37.32 -19.18 47.03
C LYS C 43 36.60 -19.03 45.70
N GLU C 44 35.27 -19.10 45.77
CA GLU C 44 34.43 -18.93 44.59
C GLU C 44 34.24 -17.45 44.29
N ARG C 45 33.69 -17.16 43.12
CA ARG C 45 33.43 -15.79 42.72
C ARG C 45 32.27 -15.21 43.53
N GLU C 46 32.28 -13.89 43.69
CA GLU C 46 31.23 -13.20 44.43
C GLU C 46 31.20 -11.74 44.01
N GLY C 47 30.00 -11.21 43.83
CA GLY C 47 29.83 -9.82 43.46
C GLY C 47 29.74 -8.90 44.67
N VAL C 48 30.20 -7.66 44.49
CA VAL C 48 30.26 -6.71 45.60
C VAL C 48 29.45 -5.46 45.28
N SER C 49 29.37 -5.10 43.99
CA SER C 49 28.69 -3.87 43.60
C SER C 49 28.19 -4.00 42.17
N CYS C 50 27.37 -3.03 41.78
CA CYS C 50 26.79 -3.01 40.44
C CYS C 50 26.15 -1.64 40.20
N ILE C 51 26.31 -1.13 38.98
CA ILE C 51 25.72 0.13 38.56
C ILE C 51 25.23 -0.05 37.13
N SER C 52 24.21 0.73 36.77
CA SER C 52 23.48 0.54 35.52
C SER C 52 23.50 1.83 34.71
N THR C 53 22.75 1.80 33.60
CA THR C 53 22.57 3.00 32.77
C THR C 53 21.56 3.96 33.40
N SER C 54 20.50 3.43 34.00
CA SER C 54 19.54 4.27 34.71
C SER C 54 20.20 4.94 35.90
N VAL C 55 19.76 6.16 36.20
CA VAL C 55 20.43 6.98 37.20
C VAL C 55 20.19 6.44 38.60
N GLY C 56 19.02 5.88 38.86
CA GLY C 56 18.63 5.53 40.22
C GLY C 56 19.03 4.16 40.71
N SER C 57 19.30 3.23 39.80
CA SER C 57 19.56 1.85 40.18
C SER C 57 21.00 1.69 40.68
N THR C 58 21.15 0.92 41.76
CA THR C 58 22.45 0.60 42.32
C THR C 58 22.30 -0.67 43.16
N LYS C 59 23.40 -1.41 43.29
CA LYS C 59 23.40 -2.67 44.01
C LYS C 59 24.71 -2.85 44.76
N TYR C 60 24.61 -3.37 45.99
CA TYR C 60 25.77 -3.70 46.79
C TYR C 60 25.56 -5.06 47.43
N ALA C 61 26.64 -5.63 47.97
CA ALA C 61 26.58 -6.93 48.61
C ALA C 61 26.14 -6.79 50.06
N ASP C 62 25.89 -7.93 50.70
CA ASP C 62 25.42 -7.92 52.08
C ASP C 62 26.53 -7.58 53.06
N SER C 63 27.76 -8.00 52.77
CA SER C 63 28.88 -7.79 53.69
C SER C 63 29.67 -6.52 53.39
N VAL C 64 29.20 -5.68 52.47
CA VAL C 64 29.96 -4.51 52.07
C VAL C 64 29.00 -3.33 51.82
N LYS C 65 27.72 -3.55 52.11
CA LYS C 65 26.72 -2.51 51.94
C LYS C 65 27.02 -1.30 52.83
N GLY C 66 27.50 -0.22 52.22
CA GLY C 66 27.84 1.00 52.93
C GLY C 66 29.34 1.23 53.04
N ARG C 67 30.13 0.16 53.08
CA ARG C 67 31.58 0.31 53.18
C ARG C 67 32.19 0.76 51.87
N PHE C 68 31.72 0.21 50.75
CA PHE C 68 32.16 0.63 49.42
C PHE C 68 31.19 1.65 48.85
N THR C 69 31.58 2.23 47.71
CA THR C 69 30.75 3.22 47.03
C THR C 69 31.12 3.23 45.56
N ILE C 70 30.16 2.85 44.71
CA ILE C 70 30.37 2.81 43.27
C ILE C 70 29.75 4.05 42.64
N SER C 71 30.34 4.51 41.54
CA SER C 71 29.82 5.67 40.83
C SER C 71 30.32 5.64 39.40
N ARG C 72 29.45 6.03 38.47
CA ARG C 72 29.78 6.09 37.06
C ARG C 72 30.26 7.49 36.69
N ASP C 73 31.07 7.56 35.63
CA ASP C 73 31.54 8.85 35.14
C ASP C 73 31.92 8.69 33.67
N ASN C 74 31.43 9.59 32.82
CA ASN C 74 31.76 9.57 31.41
C ASN C 74 33.14 10.14 31.12
N ALA C 75 33.79 10.76 32.10
CA ALA C 75 35.16 11.25 31.92
C ALA C 75 36.10 10.06 31.81
N LYS C 76 36.75 9.93 30.65
CA LYS C 76 37.63 8.82 30.31
C LYS C 76 36.92 7.47 30.33
N ASN C 77 35.58 7.47 30.35
CA ASN C 77 34.78 6.24 30.30
C ASN C 77 35.16 5.30 31.44
N THR C 78 35.05 5.81 32.66
CA THR C 78 35.57 5.10 33.83
C THR C 78 34.59 5.17 34.99
N VAL C 79 34.27 4.00 35.55
CA VAL C 79 33.51 3.91 36.78
C VAL C 79 34.51 3.73 37.92
N TYR C 80 34.08 4.09 39.13
CA TYR C 80 34.94 4.05 40.30
C TYR C 80 34.23 3.36 41.46
N LEU C 81 34.99 2.55 42.20
CA LEU C 81 34.50 1.88 43.40
C LEU C 81 35.45 2.24 44.54
N GLN C 82 35.02 3.18 45.39
CA GLN C 82 35.85 3.65 46.49
C GLN C 82 35.75 2.66 47.65
N MET C 83 36.85 1.99 47.96
CA MET C 83 36.91 1.02 49.05
C MET C 83 37.33 1.75 50.32
N ASN C 84 36.44 1.80 51.30
CA ASN C 84 36.70 2.44 52.59
C ASN C 84 36.49 1.43 53.71
N SER C 85 37.32 1.54 54.75
CA SER C 85 37.28 0.66 55.91
C SER C 85 37.42 -0.80 55.49
N LEU C 86 38.58 -1.11 54.91
CA LEU C 86 38.83 -2.44 54.39
C LEU C 86 38.96 -3.46 55.52
N LYS C 87 38.65 -4.70 55.21
CA LYS C 87 38.72 -5.83 56.13
C LYS C 87 39.56 -6.94 55.50
N PRO C 88 40.08 -7.85 56.32
CA PRO C 88 40.81 -9.00 55.76
C PRO C 88 39.97 -9.84 54.80
N GLU C 89 38.64 -9.80 54.93
CA GLU C 89 37.78 -10.52 53.99
C GLU C 89 37.84 -9.91 52.59
N ASP C 90 38.18 -8.63 52.48
CA ASP C 90 38.25 -7.96 51.20
C ASP C 90 39.50 -8.33 50.40
N THR C 91 40.43 -9.10 50.99
CA THR C 91 41.64 -9.52 50.30
C THR C 91 41.25 -10.46 49.17
N ALA C 92 41.20 -9.93 47.95
CA ALA C 92 40.79 -10.71 46.79
C ALA C 92 41.26 -10.00 45.53
N VAL C 93 41.23 -10.73 44.43
CA VAL C 93 41.57 -10.18 43.12
C VAL C 93 40.28 -9.65 42.51
N TYR C 94 40.13 -8.33 42.49
CA TYR C 94 38.91 -7.70 42.01
C TYR C 94 38.91 -7.61 40.49
N TYR C 95 37.75 -7.85 39.89
CA TYR C 95 37.56 -7.76 38.45
C TYR C 95 36.41 -6.81 38.14
N CYS C 96 36.52 -6.13 37.01
CA CYS C 96 35.49 -5.21 36.53
C CYS C 96 34.85 -5.80 35.29
N GLY C 97 33.58 -6.19 35.39
CA GLY C 97 32.85 -6.76 34.29
C GLY C 97 31.65 -5.91 33.91
N ALA C 98 31.00 -6.30 32.81
CA ALA C 98 29.79 -5.65 32.32
C ALA C 98 28.64 -6.65 32.38
N ASP C 99 27.61 -6.31 33.14
CA ASP C 99 26.46 -7.20 33.30
C ASP C 99 25.57 -7.13 32.07
N LEU C 100 25.22 -8.30 31.53
CA LEU C 100 24.34 -8.41 30.38
C LEU C 100 23.10 -9.22 30.73
N SER C 101 22.49 -8.91 31.88
CA SER C 101 21.31 -9.62 32.35
C SER C 101 20.27 -8.61 32.83
N THR C 102 19.01 -9.04 32.76
CA THR C 102 17.87 -8.24 33.20
C THR C 102 17.85 -6.86 32.53
N PHE C 103 17.49 -6.84 31.26
CA PHE C 103 17.26 -5.61 30.51
C PHE C 103 15.75 -5.46 30.37
N TYR C 104 15.14 -4.69 31.27
CA TYR C 104 13.68 -4.54 31.22
C TYR C 104 13.27 -3.71 30.00
N GLY C 105 13.86 -2.55 29.84
CA GLY C 105 13.61 -1.69 28.70
C GLY C 105 14.52 -0.50 28.73
N GLY C 106 15.08 -0.12 27.59
CA GLY C 106 15.97 1.02 27.53
C GLY C 106 17.28 0.84 28.25
N ASN C 107 17.22 0.51 29.54
CA ASN C 107 18.41 0.42 30.37
C ASN C 107 18.54 -0.98 30.98
N TYR C 108 19.78 -1.38 31.24
CA TYR C 108 20.11 -2.66 31.87
C TYR C 108 20.05 -2.49 33.38
N TYR C 109 18.93 -2.85 34.00
CA TYR C 109 18.89 -2.88 35.45
C TYR C 109 19.86 -3.95 35.98
N CYS C 110 20.58 -3.60 37.05
CA CYS C 110 21.54 -4.54 37.64
C CYS C 110 20.82 -5.71 38.28
N GLY C 111 21.35 -6.91 38.05
CA GLY C 111 20.63 -8.12 38.40
C GLY C 111 21.49 -9.10 39.18
N ASP C 112 20.80 -9.90 40.00
CA ASP C 112 21.43 -11.00 40.70
C ASP C 112 21.87 -12.08 39.73
N ARG C 113 23.07 -12.61 39.95
CA ARG C 113 23.66 -13.64 39.08
C ARG C 113 23.69 -13.17 37.63
N GLY C 114 24.22 -11.96 37.41
CA GLY C 114 24.27 -11.40 36.07
C GLY C 114 25.50 -11.89 35.33
N ILE C 115 25.30 -12.33 34.09
CA ILE C 115 26.41 -12.83 33.29
C ILE C 115 27.30 -11.67 32.86
N TYR C 116 28.61 -11.82 33.09
CA TYR C 116 29.60 -10.83 32.67
C TYR C 116 30.35 -11.36 31.45
N ASP C 117 30.68 -10.45 30.54
CA ASP C 117 31.28 -10.83 29.27
C ASP C 117 32.62 -10.15 29.02
N TYR C 118 32.71 -8.85 29.25
CA TYR C 118 33.90 -8.07 28.95
C TYR C 118 34.50 -7.62 30.28
N TYR C 119 35.52 -8.36 30.74
CA TYR C 119 36.17 -8.08 32.00
C TYR C 119 37.67 -7.99 31.80
N GLY C 120 38.34 -7.23 32.67
CA GLY C 120 39.75 -6.97 32.55
C GLY C 120 40.62 -8.09 33.08
N GLN C 121 41.90 -7.78 33.24
CA GLN C 121 42.87 -8.76 33.71
C GLN C 121 42.77 -8.95 35.22
N GLY C 122 42.33 -7.94 35.96
CA GLY C 122 42.17 -8.04 37.38
C GLY C 122 43.19 -7.21 38.13
N THR C 123 42.83 -6.83 39.35
CA THR C 123 43.70 -6.10 40.25
C THR C 123 43.84 -6.87 41.56
N GLN C 124 44.95 -6.67 42.24
CA GLN C 124 45.23 -7.34 43.51
C GLN C 124 45.11 -6.33 44.64
N VAL C 125 44.18 -6.57 45.55
CA VAL C 125 43.99 -5.76 46.74
C VAL C 125 44.40 -6.63 47.93
N THR C 126 45.58 -6.37 48.48
CA THR C 126 46.13 -7.14 49.58
C THR C 126 45.83 -6.42 50.89
N VAL C 127 45.06 -7.06 51.76
CA VAL C 127 44.70 -6.47 53.04
C VAL C 127 45.07 -7.44 54.17
C1 CLR D . -27.97 14.56 -15.61
C2 CLR D . -29.17 15.08 -16.39
C3 CLR D . -30.14 13.92 -16.62
C4 CLR D . -30.60 13.37 -15.25
C5 CLR D . -29.43 13.02 -14.39
C6 CLR D . -29.52 11.98 -13.56
C7 CLR D . -28.51 11.67 -12.52
C8 CLR D . -27.73 12.95 -12.16
C9 CLR D . -27.21 13.62 -13.43
C10 CLR D . -28.42 14.11 -14.23
C11 CLR D . -26.30 14.80 -13.14
C12 CLR D . -25.21 14.47 -12.16
C13 CLR D . -25.83 13.96 -10.85
C14 CLR D . -26.55 12.65 -11.20
C15 CLR D . -26.90 12.11 -9.82
C16 CLR D . -25.65 12.45 -8.97
C17 CLR D . -24.81 13.46 -9.79
C18 CLR D . -26.84 14.94 -10.22
C19 CLR D . -29.08 15.26 -13.50
C20 CLR D . -24.12 14.54 -8.85
C21 CLR D . -23.63 15.83 -9.54
C22 CLR D . -22.92 13.89 -8.16
C23 CLR D . -23.19 13.74 -6.68
C24 CLR D . -22.10 12.90 -6.04
C25 CLR D . -22.62 11.55 -5.52
C26 CLR D . -22.44 11.48 -4.01
C27 CLR D . -24.09 11.32 -5.89
O1 CLR D . -31.23 14.45 -17.32
C1 CLR E . -25.35 21.75 -17.37
C2 CLR E . -26.60 22.25 -18.08
C3 CLR E . -27.23 21.09 -18.82
C4 CLR E . -27.73 20.11 -17.77
C5 CLR E . -26.59 19.63 -16.95
C6 CLR E . -26.44 18.33 -16.81
C7 CLR E . -25.56 17.71 -15.78
C8 CLR E . -24.70 18.72 -15.05
C9 CLR E . -24.38 19.98 -15.87
C10 CLR E . -25.69 20.66 -16.33
C11 CLR E . -23.54 20.96 -15.05
C12 CLR E . -22.36 20.34 -14.29
C13 CLR E . -22.70 18.98 -13.66
C14 CLR E . -23.36 18.10 -14.73
C15 CLR E . -23.34 16.71 -14.07
C16 CLR E . -22.09 16.72 -13.18
C17 CLR E . -21.48 18.13 -13.30
C18 CLR E . -23.64 19.10 -12.45
C19 CLR E . -26.39 21.31 -15.14
C20 CLR E . -20.78 18.63 -12.01
C21 CLR E . -19.44 19.26 -12.38
C22 CLR E . -20.59 17.51 -11.00
C23 CLR E . -20.03 18.12 -9.71
C24 CLR E . -18.84 17.32 -9.21
C25 CLR E . -18.15 18.07 -8.07
C26 CLR E . -17.00 17.22 -7.50
C27 CLR E . -17.63 19.43 -8.54
O1 CLR E . -28.28 21.59 -19.58
C18 OLC F . -4.90 18.70 -7.60
C10 OLC F . -7.89 13.56 -1.03
C9 OLC F . -9.11 13.06 -1.22
C17 OLC F . -6.26 18.72 -6.91
C11 OLC F . -7.67 14.99 -0.74
C8 OLC F . -9.33 11.61 -1.50
C24 OLC F . -5.81 10.19 10.01
C16 OLC F . -6.08 18.77 -5.40
C12 OLC F . -6.68 15.59 -1.73
C7 OLC F . -8.39 10.75 -0.68
C15 OLC F . -7.16 17.99 -4.68
C13 OLC F . -7.45 16.35 -2.81
C6 OLC F . -8.84 10.79 0.78
C14 OLC F . -6.59 17.45 -3.38
C5 OLC F . -8.03 9.82 1.60
C4 OLC F . -8.94 9.13 2.61
C3 OLC F . -8.14 8.75 3.82
C2 OLC F . -8.88 9.14 5.10
C21 OLC F . -7.07 9.93 7.88
C1 OLC F . -8.03 8.64 6.21
C22 OLC F . -6.81 9.29 9.25
O19 OLC F . -7.19 7.75 6.15
O25 OLC F . -4.56 9.83 9.49
O23 OLC F . -7.99 9.10 9.94
O20 OLC F . -8.22 9.27 7.40
C18 OLC G . -24.49 -9.37 -18.55
C10 OLC G . -17.46 -11.67 -12.40
C9 OLC G . -16.79 -12.80 -12.13
C17 OLC G . -23.01 -9.70 -18.55
C11 OLC G . -17.56 -11.13 -13.79
C8 OLC G . -16.09 -13.57 -13.19
C24 OLC G . -8.98 -18.79 -4.33
C16 OLC G . -22.38 -9.26 -17.24
C12 OLC G . -18.89 -10.42 -13.98
C7 OLC G . -14.68 -13.93 -12.74
C15 OLC G . -20.93 -9.70 -17.13
C13 OLC G . -19.12 -10.19 -15.47
C6 OLC G . -14.63 -15.39 -12.35
C14 OLC G . -20.48 -9.54 -15.68
C5 OLC G . -13.23 -15.76 -11.87
C4 OLC G . -13.23 -17.16 -11.26
C3 OLC G . -11.91 -17.37 -10.56
C2 OLC G . -12.02 -18.41 -9.44
C21 OLC G . -9.79 -18.52 -6.66
C1 OLC G . -10.68 -18.49 -8.81
C22 OLC G . -9.99 -19.34 -5.37
O19 OLC G . -9.63 -18.03 -9.26
O25 OLC G . -9.77 -18.26 -3.31
O23 OLC G . -11.29 -19.25 -4.92
O20 OLC G . -10.64 -19.13 -7.62
C18 OLC H . -2.26 2.51 -29.63
C10 OLC H . 2.22 2.55 -22.02
C9 OLC H . 1.85 2.06 -20.83
C17 OLC H . -1.12 1.53 -29.39
C11 OLC H . 1.41 2.31 -23.25
C8 OLC H . 2.65 2.30 -19.60
C24 OLC H . 3.89 -6.84 -12.13
C16 OLC H . -0.96 1.26 -27.90
C12 OLC H . 1.59 3.45 -24.22
C7 OLC H . 3.11 0.98 -18.97
C15 OLC H . -0.78 2.55 -27.11
C13 OLC H . 0.35 3.55 -25.11
C6 OLC H . 3.61 1.26 -17.56
C14 OLC H . 0.21 2.30 -25.97
C5 OLC H . 4.50 0.12 -17.08
C4 OLC H . 3.67 -1.14 -16.83
C3 OLC H . 4.57 -2.20 -16.22
C2 OLC H . 4.69 -2.04 -14.70
C21 OLC H . 4.51 -4.73 -13.31
C1 OLC H . 5.75 -2.99 -14.26
C22 OLC H . 5.05 -6.11 -12.86
O19 OLC H . 6.85 -2.68 -13.83
O25 OLC H . 4.51 -7.86 -11.40
O23 OLC H . 5.53 -6.83 -13.93
O20 OLC H . 5.40 -4.30 -14.32
C18 OLC I . -17.19 -6.83 -15.71
C17 OLC I . -15.77 -6.45 -15.35
C11 OLC I . -15.30 -10.64 -9.41
C16 OLC I . -15.61 -6.34 -13.85
C12 OLC I . -14.75 -9.48 -10.24
C15 OLC I . -15.93 -7.66 -13.15
C13 OLC I . -15.92 -8.77 -10.92
C14 OLC I . -15.41 -7.59 -11.71
ZN ZN J . -38.29 18.74 -57.17
O1 MES K . -13.89 7.00 -28.75
C2 MES K . -15.06 7.42 -29.44
C3 MES K . -16.32 6.98 -28.69
N4 MES K . -16.20 5.57 -28.34
C5 MES K . -14.96 5.06 -27.76
C6 MES K . -13.82 5.58 -28.61
C7 MES K . -17.43 4.83 -28.04
C8 MES K . -18.46 5.86 -27.60
S MES K . -19.90 5.59 -28.37
O1S MES K . -20.23 4.15 -28.28
O2S MES K . -20.98 6.37 -27.72
O3S MES K . -19.79 6.00 -29.79
#